data_9C6O
#
_entry.id   9C6O
#
loop_
_entity.id
_entity.type
_entity.pdbx_description
1 polymer 'MOW15-22 RBD'
2 polymer 'Pteronotus davyi ACE2 ectodomain'
3 branched beta-D-mannopyranose-(1-4)-2-acetamido-2-deoxy-beta-D-glucopyranose-(1-4)-2-acetamido-2-deoxy-beta-D-glucopyranose
4 branched 2-acetamido-2-deoxy-beta-D-glucopyranose-(1-4)-2-acetamido-2-deoxy-beta-D-glucopyranose
5 non-polymer 2-acetamido-2-deoxy-beta-D-glucopyranose
#
loop_
_entity_poly.entity_id
_entity_poly.type
_entity_poly.pdbx_seq_one_letter_code
_entity_poly.pdbx_strand_id
1 'polypeptide(L)'
;MGILPSPGMPALLSLVSLLSVLLMGCVAETGTYSVSSFEAKPQGSFIESVYEGNECDFTKLFIGQVPQPYEFGRLVFTNC
NYNFTKLLSYFQVNTFQCQKVTPESIATGCYSSLTVDWFAYRVEDKSDLLPGSSSDLQRFNYKPTYSNPTCLISAYTNLV
PLGGVNPTNYTTLTNCYGCVDKDPANPWGDQICIPEFVTEVEPGFRPKPSCARVGLEGHISGNDTYSAIVTNGELDSTGD
PIWRKGVALTKQPIDSSRADLAFFVSVQIDAQSSSVCPLGAPKLVPRGSSSGGSGLNDIFEAQKIEWHEGGSHHHHHHHH
;
B
2 'polypeptide(L)'
;MPMGSLQPLATLYLLGMLVASVLAQILTEDEKAKEFLEKFDLEAEKLYHQSSLASWNYNTNITEENVKKMNEADREWSTF
YENMTKIAKNYNLSQITDDKVKRQLQALQQNGLSEDENKRLNNILNEMSTIYSTGKVCKPNNPQQCLLLATGLEDIMQYS
KDYDERLWAWEGWRSQVGKQLRPLYEKYVDLKNEMAREKNYEDYGDYWRGDYETDGKEDYAYSRNQLIDDVERTFEEIKP
LYEHLHAYVRTKLMDAYPSRISPTGCLPAHLLGDMWGRFWTNLYDLTVPYGEKPTIDVTAAMINQSWDAEKIFKEAEKFF
MSVGLFNMTQGFWNNSMLTKPDDGREVVCHPTAWDLGNNDFRIKMCTKVTMDDFLTAHHEMGHIQYDMAYAKQPFLLRNG
ANEGFHEAVGEIMSLSAATPKHLKDLGLLAQNYPEDYETEINFLLKQALNIVGTLPFTYMLEKWRWMVFKGQIPKDQWTK
KWWEMKRDIVGVVEPVPHDETYCDAASLFHVANDYSFIRYYTRTIFQFQFQEALCRTAQHTGPLHKCDISNSTAAGEKLL
KMLELGKSQPWTFALENIVGERKINVRPLLDYFRPLFNWLKEQNSNSFVGWRTDWSPYVDQSIKVRISLKSALGDKAYEW
NDNEMYFFQSSVAYAMRVYFSNFKNQTTPFGVENVQVRNLKPRVSFNFFVTSPKNVSDIIPRSEVVEAIRMSRGRINDAF
RLDDNSLEFLGLVPRGSSSGGSGLNDIFEAQKIEWHEGGSHHHHHHHH
;
A
#
# COMPACT_ATOMS: atom_id res chain seq x y z
N THR A 59 4.68 52.33 -17.49
CA THR A 59 6.00 52.16 -18.07
C THR A 59 7.01 51.63 -17.04
N LYS A 60 6.61 51.65 -15.76
CA LYS A 60 7.52 51.30 -14.67
C LYS A 60 8.15 49.92 -14.85
N LEU A 61 7.42 48.99 -15.43
CA LEU A 61 7.89 47.63 -15.61
C LEU A 61 9.00 47.52 -16.65
N PHE A 62 9.24 48.60 -17.38
CA PHE A 62 10.31 48.62 -18.37
C PHE A 62 11.51 49.43 -17.87
N ILE A 63 11.48 49.83 -16.61
CA ILE A 63 12.55 50.63 -16.02
C ILE A 63 13.42 49.78 -15.11
N GLY A 64 14.74 49.87 -15.30
CA GLY A 64 15.65 49.01 -14.57
C GLY A 64 15.85 47.70 -15.32
N GLN A 65 16.14 46.63 -14.59
CA GLN A 65 16.44 45.36 -15.23
C GLN A 65 15.17 44.51 -15.31
N VAL A 66 15.27 43.32 -15.91
CA VAL A 66 14.14 42.43 -16.05
C VAL A 66 14.39 41.16 -15.24
N PRO A 67 13.47 40.79 -14.35
CA PRO A 67 13.55 39.66 -13.44
C PRO A 67 13.48 38.34 -14.19
N GLN A 68 14.07 37.30 -13.60
CA GLN A 68 14.01 35.97 -14.18
C GLN A 68 12.71 35.28 -13.76
N PRO A 69 12.27 34.23 -14.48
CA PRO A 69 11.05 33.47 -14.25
C PRO A 69 10.84 33.00 -12.81
N TYR A 70 11.92 32.73 -12.08
CA TYR A 70 11.81 32.23 -10.72
C TYR A 70 11.66 33.34 -9.70
N GLU A 71 11.73 34.58 -10.18
CA GLU A 71 11.60 35.77 -9.34
C GLU A 71 10.73 36.79 -10.07
N PHE A 72 9.67 36.32 -10.70
CA PHE A 72 8.88 37.17 -11.58
C PHE A 72 8.38 38.40 -10.86
N GLY A 73 8.32 39.52 -11.58
CA GLY A 73 7.84 40.77 -11.01
C GLY A 73 6.33 40.80 -11.00
N ARG A 74 5.76 41.52 -10.04
CA ARG A 74 4.32 41.68 -9.96
C ARG A 74 4.02 43.09 -9.50
N LEU A 75 3.14 43.77 -10.23
CA LEU A 75 2.62 45.07 -9.81
C LEU A 75 1.13 45.10 -10.01
N VAL A 76 0.44 45.97 -9.28
CA VAL A 76 -1.02 46.07 -9.42
C VAL A 76 -1.45 47.52 -9.61
N PHE A 77 -2.40 47.73 -10.52
CA PHE A 77 -2.99 49.04 -10.74
C PHE A 77 -4.44 49.08 -10.30
N ASN A 83 -3.92 52.00 -20.94
CA ASN A 83 -4.02 52.03 -22.39
C ASN A 83 -3.14 50.95 -23.03
N PHE A 84 -3.79 49.89 -23.52
CA PHE A 84 -3.10 48.75 -24.10
C PHE A 84 -2.36 49.15 -25.36
N THR A 85 -2.98 50.03 -26.15
CA THR A 85 -2.37 50.50 -27.39
C THR A 85 -1.02 51.15 -27.12
N LYS A 86 -0.93 51.92 -26.02
CA LYS A 86 0.33 52.55 -25.67
C LYS A 86 1.38 51.51 -25.31
N LEU A 87 0.98 50.46 -24.60
CA LEU A 87 1.92 49.40 -24.25
C LEU A 87 2.47 48.74 -25.50
N LEU A 88 1.63 48.60 -26.52
CA LEU A 88 2.02 47.97 -27.78
C LEU A 88 2.96 48.88 -28.57
N SER A 89 3.15 50.11 -28.10
CA SER A 89 4.06 51.05 -28.75
C SER A 89 5.43 50.98 -28.11
N TYR A 90 5.55 50.20 -27.04
CA TYR A 90 6.81 50.02 -26.34
C TYR A 90 7.50 48.76 -26.82
N PHE A 91 6.70 47.72 -27.06
CA PHE A 91 7.23 46.44 -27.47
C PHE A 91 6.56 45.89 -28.73
N GLN A 92 7.26 45.01 -29.42
CA GLN A 92 6.73 44.37 -30.61
C GLN A 92 6.20 42.97 -30.28
N VAL A 93 4.88 42.84 -30.26
CA VAL A 93 4.26 41.60 -29.84
C VAL A 93 4.28 40.54 -30.94
N ASN A 94 4.63 39.32 -30.56
CA ASN A 94 4.67 38.19 -31.46
C ASN A 94 3.43 37.34 -31.28
N THR A 95 3.08 37.08 -30.03
CA THR A 95 1.92 36.26 -29.70
C THR A 95 1.01 36.92 -28.68
N PHE A 96 -0.28 36.95 -28.99
CA PHE A 96 -1.29 37.50 -28.08
C PHE A 96 -2.48 36.56 -28.00
N GLN A 97 -2.59 35.85 -26.89
CA GLN A 97 -3.65 34.87 -26.70
C GLN A 97 -4.30 35.07 -25.35
N CYS A 98 -5.60 34.77 -25.24
CA CYS A 98 -6.35 35.00 -24.01
C CYS A 98 -7.12 33.75 -23.61
N GLN A 99 -7.29 33.61 -22.29
CA GLN A 99 -8.06 32.47 -21.73
C GLN A 99 -9.22 33.05 -20.91
N LYS A 100 -10.45 32.71 -21.27
CA LYS A 100 -11.66 33.19 -20.60
C LYS A 100 -11.82 34.71 -20.68
N VAL A 101 -11.36 35.29 -21.78
CA VAL A 101 -11.53 36.73 -21.99
C VAL A 101 -11.20 37.09 -23.43
N THR A 102 -11.88 38.09 -23.97
CA THR A 102 -11.63 38.56 -25.33
C THR A 102 -10.50 39.60 -25.32
N PRO A 103 -9.46 39.43 -26.16
CA PRO A 103 -8.26 40.25 -26.23
C PRO A 103 -8.58 41.71 -26.52
N GLU A 104 -9.74 41.95 -27.13
CA GLU A 104 -10.19 43.31 -27.42
C GLU A 104 -10.59 44.02 -26.14
N SER A 105 -10.97 43.25 -25.13
CA SER A 105 -11.35 43.79 -23.83
C SER A 105 -10.14 44.07 -22.92
N ILE A 106 -9.03 43.35 -23.17
CA ILE A 106 -7.77 43.54 -22.44
C ILE A 106 -6.79 44.35 -23.30
N SER A 113 -9.46 47.05 -11.03
CA SER A 113 -8.17 46.51 -10.62
C SER A 113 -7.61 45.53 -11.65
N LEU A 114 -6.33 45.67 -11.96
CA LEU A 114 -5.64 44.74 -12.85
C LEU A 114 -4.23 44.46 -12.34
N THR A 115 -3.76 43.24 -12.58
CA THR A 115 -2.45 42.81 -12.11
C THR A 115 -1.63 42.20 -13.23
N VAL A 116 -0.32 42.47 -13.22
CA VAL A 116 0.56 41.92 -14.24
C VAL A 116 1.76 41.19 -13.66
N ASP A 117 1.92 39.94 -14.06
CA ASP A 117 3.09 39.14 -13.70
C ASP A 117 4.02 39.08 -14.90
N TRP A 118 5.26 39.55 -14.74
CA TRP A 118 6.15 39.65 -15.89
C TRP A 118 7.57 39.20 -15.59
N PHE A 119 8.23 38.67 -16.62
CA PHE A 119 9.61 38.19 -16.49
C PHE A 119 10.29 38.03 -17.84
N ALA A 120 11.61 37.92 -17.82
CA ALA A 120 12.38 37.67 -19.03
C ALA A 120 12.16 36.25 -19.51
N TYR A 121 11.93 36.08 -20.81
CA TYR A 121 11.81 34.75 -21.39
C TYR A 121 11.93 34.82 -22.91
N ARG A 122 12.74 33.93 -23.47
CA ARG A 122 13.01 33.92 -24.91
C ARG A 122 11.79 33.63 -25.76
N VAL A 123 11.78 34.18 -26.97
CA VAL A 123 10.71 33.94 -27.94
C VAL A 123 10.78 32.54 -28.56
N GLU A 124 11.99 32.08 -28.86
CA GLU A 124 12.19 30.79 -29.52
C GLU A 124 11.58 29.63 -28.76
N ASP A 125 11.60 29.71 -27.43
CA ASP A 125 11.01 28.69 -26.56
C ASP A 125 9.65 29.12 -26.02
N LYS A 126 8.97 29.99 -26.77
CA LYS A 126 7.65 30.51 -26.42
C LYS A 126 6.64 29.45 -26.03
N SER A 127 6.72 28.27 -26.65
CA SER A 127 5.77 27.19 -26.41
C SER A 127 5.51 26.99 -24.92
N ASP A 128 6.56 27.15 -24.11
CA ASP A 128 6.49 26.92 -22.67
C ASP A 128 5.52 27.86 -21.96
N LEU A 129 5.24 29.00 -22.57
CA LEU A 129 4.38 30.03 -21.98
C LEU A 129 2.90 29.71 -22.13
N LEU A 130 2.57 28.74 -22.98
CA LEU A 130 1.18 28.50 -23.33
C LEU A 130 0.49 27.58 -22.32
N PRO A 131 -0.79 27.84 -22.03
CA PRO A 131 -1.62 27.13 -21.08
C PRO A 131 -1.79 25.68 -21.46
N GLY A 132 -1.71 24.80 -20.46
CA GLY A 132 -1.90 23.37 -20.67
C GLY A 132 -0.61 22.67 -21.05
N SER A 133 0.44 23.45 -21.28
CA SER A 133 1.72 22.89 -21.69
C SER A 133 2.47 22.24 -20.54
N SER A 134 3.17 21.15 -20.84
CA SER A 134 4.04 20.51 -19.88
C SER A 134 5.46 21.01 -20.07
N SER A 135 5.97 21.73 -19.06
CA SER A 135 7.28 22.37 -19.17
C SER A 135 7.90 22.61 -17.80
N ASP A 136 9.19 22.93 -17.79
CA ASP A 136 9.87 23.29 -16.55
C ASP A 136 9.41 24.66 -16.07
N LEU A 137 9.12 25.56 -17.01
CA LEU A 137 8.74 26.91 -16.65
C LEU A 137 7.53 26.90 -15.73
N GLN A 138 6.50 26.15 -16.11
CA GLN A 138 5.27 26.16 -15.34
C GLN A 138 5.27 25.12 -14.23
N ARG A 139 6.41 24.48 -14.01
CA ARG A 139 6.49 23.48 -12.94
C ARG A 139 7.34 23.99 -11.79
N PHE A 140 8.46 24.64 -12.12
CA PHE A 140 9.40 25.08 -11.10
C PHE A 140 9.56 26.58 -10.98
N ASN A 141 9.09 27.34 -11.97
CA ASN A 141 9.38 28.78 -11.99
C ASN A 141 8.13 29.63 -11.79
N TYR A 142 7.19 29.52 -12.72
CA TYR A 142 5.95 30.29 -12.64
C TYR A 142 4.80 29.63 -13.38
N LYS A 143 3.74 29.35 -12.63
CA LYS A 143 2.54 28.75 -13.20
C LYS A 143 1.35 29.70 -13.04
N PRO A 144 0.66 30.14 -14.12
CA PRO A 144 -0.54 31.02 -14.01
C PRO A 144 -1.82 30.24 -13.75
N THR A 145 -2.41 30.39 -12.57
CA THR A 145 -3.73 29.75 -12.28
C THR A 145 -4.78 30.31 -13.20
N TYR A 146 -4.74 31.63 -13.44
CA TYR A 146 -5.70 32.30 -14.36
C TYR A 146 -7.15 32.04 -13.93
N SER A 147 -7.42 32.02 -12.63
CA SER A 147 -8.84 31.89 -12.19
C SER A 147 -9.57 33.14 -12.69
N ASN A 148 -8.94 34.31 -12.58
CA ASN A 148 -9.51 35.55 -13.17
C ASN A 148 -9.33 35.46 -14.69
N PRO A 149 -10.08 36.18 -15.53
CA PRO A 149 -9.84 36.16 -16.99
C PRO A 149 -8.42 36.67 -17.21
N THR A 150 -7.67 36.05 -18.13
CA THR A 150 -6.25 36.42 -18.26
C THR A 150 -5.76 36.39 -19.69
N CYS A 151 -4.82 37.27 -20.03
CA CYS A 151 -4.19 37.24 -21.36
C CYS A 151 -2.68 37.10 -21.27
N LEU A 152 -2.12 36.40 -22.23
CA LEU A 152 -0.66 36.25 -22.37
C LEU A 152 -0.13 37.06 -23.53
N ILE A 153 0.84 37.91 -23.23
CA ILE A 153 1.52 38.69 -24.26
C ILE A 153 2.99 38.32 -24.29
N SER A 154 3.46 37.87 -25.44
CA SER A 154 4.88 37.56 -25.63
C SER A 154 5.47 38.50 -26.66
N ALA A 155 6.46 39.29 -26.25
CA ALA A 155 6.98 40.36 -27.09
C ALA A 155 8.47 40.58 -26.88
N TYR A 156 9.09 41.25 -27.84
CA TYR A 156 10.49 41.64 -27.69
C TYR A 156 10.64 43.15 -27.82
N THR A 157 11.66 43.69 -27.16
CA THR A 157 11.87 45.13 -27.13
C THR A 157 13.26 45.51 -26.64
N ASN A 158 13.74 46.67 -27.05
CA ASN A 158 14.97 47.22 -26.51
C ASN A 158 14.64 48.20 -25.39
N LEU A 159 15.04 47.86 -24.16
CA LEU A 159 14.69 48.65 -22.98
C LEU A 159 15.56 49.90 -22.81
N VAL A 160 16.68 49.96 -23.51
CA VAL A 160 17.62 51.04 -23.26
C VAL A 160 17.01 52.44 -23.47
N GLY A 164 15.58 51.15 -19.10
CA GLY A 164 15.94 49.87 -18.52
C GLY A 164 17.15 49.26 -19.21
N VAL A 165 17.43 48.01 -18.88
CA VAL A 165 18.56 47.30 -19.48
C VAL A 165 18.15 45.92 -19.97
N ASN A 166 18.69 45.52 -21.11
CA ASN A 166 18.37 44.22 -21.68
C ASN A 166 19.11 43.12 -20.93
N PRO A 167 18.50 41.93 -20.76
CA PRO A 167 19.08 40.73 -20.17
C PRO A 167 20.34 40.30 -20.90
N THR A 168 21.34 39.86 -20.13
CA THR A 168 22.55 39.28 -20.69
C THR A 168 22.31 37.83 -21.12
N ASN A 169 21.58 37.09 -20.27
CA ASN A 169 21.19 35.68 -20.55
C ASN A 169 19.91 35.36 -19.81
N TYR A 170 19.34 34.17 -20.09
CA TYR A 170 18.07 33.74 -19.51
C TYR A 170 18.24 32.52 -18.62
N THR A 171 17.88 32.65 -17.35
CA THR A 171 18.04 31.53 -16.41
C THR A 171 16.71 30.97 -15.99
N THR A 172 16.58 29.65 -16.08
CA THR A 172 15.37 28.95 -15.70
C THR A 172 15.67 27.79 -14.75
N LEU A 173 14.86 27.62 -13.71
CA LEU A 173 14.99 26.45 -12.85
C LEU A 173 14.48 25.23 -13.58
N THR A 174 15.28 24.16 -13.60
CA THR A 174 14.89 22.94 -14.29
C THR A 174 14.49 21.86 -13.30
N ASN A 175 14.92 22.01 -12.04
CA ASN A 175 14.54 21.07 -11.00
C ASN A 175 14.71 21.69 -9.62
N CYS A 176 14.00 21.12 -8.64
CA CYS A 176 14.18 21.42 -7.21
C CYS A 176 13.53 20.35 -6.37
N TYR A 177 14.26 19.79 -5.42
CA TYR A 177 13.74 18.74 -4.56
C TYR A 177 14.33 18.77 -3.15
N GLY A 178 13.60 18.18 -2.20
CA GLY A 178 13.93 18.28 -0.79
C GLY A 178 15.07 17.39 -0.35
N CYS A 179 15.79 17.81 0.71
CA CYS A 179 16.88 17.11 1.32
C CYS A 179 16.64 16.90 2.81
N VAL A 180 17.19 15.82 3.36
CA VAL A 180 17.13 15.54 4.79
C VAL A 180 18.55 15.44 5.32
N ASP A 181 18.77 15.75 6.60
CA ASP A 181 20.12 15.70 7.14
C ASP A 181 20.64 14.28 7.30
N LYS A 182 21.91 14.06 6.92
CA LYS A 182 22.55 12.75 7.07
C LYS A 182 22.71 12.38 8.54
N ASP A 183 23.06 13.37 9.35
CA ASP A 183 23.25 13.16 10.78
C ASP A 183 22.26 14.01 11.58
N PRO A 184 21.24 13.37 12.19
CA PRO A 184 20.16 13.98 12.96
C PRO A 184 20.65 14.91 14.06
N ALA A 185 21.90 14.74 14.49
CA ALA A 185 22.45 15.55 15.55
C ALA A 185 22.91 16.91 15.05
N ASN A 186 22.90 17.11 13.74
CA ASN A 186 23.39 18.36 13.17
C ASN A 186 22.60 18.80 11.94
N PRO A 187 21.55 19.61 12.13
CA PRO A 187 20.65 20.17 11.14
C PRO A 187 21.37 21.06 10.13
N TRP A 188 22.61 21.46 10.43
CA TRP A 188 23.37 22.35 9.56
C TRP A 188 24.51 21.61 8.85
N GLY A 189 24.52 20.28 8.93
CA GLY A 189 25.62 19.50 8.37
C GLY A 189 25.30 18.95 6.98
N ASP A 190 25.95 17.83 6.65
CA ASP A 190 25.81 17.20 5.34
C ASP A 190 24.39 16.68 5.12
N GLN A 191 23.87 16.89 3.91
CA GLN A 191 22.50 16.51 3.58
C GLN A 191 22.42 15.35 2.58
N ILE A 192 21.37 14.55 2.71
CA ILE A 192 21.00 13.53 1.74
C ILE A 192 19.80 14.02 0.93
N CYS A 193 19.97 14.17 -0.38
CA CYS A 193 18.92 14.73 -1.23
C CYS A 193 18.20 13.64 -2.02
N ILE A 194 16.87 13.72 -2.01
CA ILE A 194 16.02 12.71 -2.64
C ILE A 194 15.24 13.29 -3.81
N PRO A 195 15.59 12.93 -5.06
CA PRO A 195 15.02 13.40 -6.31
C PRO A 195 13.51 13.27 -6.36
N GLU A 196 12.96 12.29 -5.65
CA GLU A 196 11.52 12.06 -5.65
C GLU A 196 10.76 13.11 -4.85
N PHE A 197 11.44 13.80 -3.95
CA PHE A 197 10.78 14.83 -3.14
C PHE A 197 10.72 16.14 -3.90
N VAL A 198 10.00 16.13 -5.01
CA VAL A 198 9.95 17.27 -5.92
C VAL A 198 9.14 18.42 -5.35
N THR A 199 9.71 19.63 -5.45
CA THR A 199 9.05 20.85 -4.96
C THR A 199 8.67 21.67 -6.17
N GLU A 200 7.37 21.78 -6.48
CA GLU A 200 6.92 22.50 -7.70
C GLU A 200 6.24 23.81 -7.30
N VAL A 201 6.27 24.82 -8.18
CA VAL A 201 5.70 26.16 -7.85
C VAL A 201 4.17 26.04 -7.76
N GLU A 202 3.56 26.71 -6.79
CA GLU A 202 2.08 26.71 -6.66
C GLU A 202 1.54 27.84 -7.54
N PRO A 203 0.44 27.65 -8.29
CA PRO A 203 -0.07 28.67 -9.25
C PRO A 203 -0.21 30.04 -8.58
N GLY A 204 0.42 31.06 -9.17
CA GLY A 204 0.27 32.44 -8.64
C GLY A 204 1.36 32.79 -7.64
N PHE A 205 1.98 31.78 -7.03
CA PHE A 205 2.99 32.04 -5.97
C PHE A 205 4.37 32.00 -6.58
N ARG A 206 5.38 32.57 -5.89
CA ARG A 206 6.78 32.46 -6.38
C ARG A 206 7.32 31.11 -5.91
N PRO A 207 8.43 30.58 -6.48
CA PRO A 207 9.06 29.34 -5.97
C PRO A 207 9.50 29.51 -4.53
N LYS A 208 9.67 28.41 -3.79
CA LYS A 208 10.20 28.48 -2.41
C LYS A 208 11.57 29.18 -2.42
N PRO A 209 11.97 29.90 -1.35
CA PRO A 209 13.26 30.68 -1.32
C PRO A 209 14.50 29.78 -1.31
N SER A 210 14.37 28.49 -1.02
CA SER A 210 15.52 27.54 -1.10
C SER A 210 15.64 27.01 -2.53
N CYS A 211 14.71 27.41 -3.41
CA CYS A 211 14.68 26.97 -4.81
C CYS A 211 15.12 28.20 -5.62
N ALA A 212 14.50 29.33 -5.31
CA ALA A 212 14.77 30.58 -6.01
C ALA A 212 16.21 31.02 -5.85
N ARG A 213 16.81 30.76 -4.69
CA ARG A 213 18.19 31.18 -4.47
C ARG A 213 19.16 30.45 -5.38
N VAL A 214 18.86 29.20 -5.71
CA VAL A 214 19.72 28.46 -6.63
C VAL A 214 19.67 29.11 -7.99
N GLY A 215 18.48 29.52 -8.41
CA GLY A 215 18.32 30.20 -9.68
C GLY A 215 19.14 31.49 -9.69
N LEU A 216 19.10 32.24 -8.59
CA LEU A 216 19.85 33.48 -8.49
C LEU A 216 21.35 33.24 -8.60
N GLU A 217 21.84 32.19 -7.95
CA GLU A 217 23.26 31.85 -8.02
C GLU A 217 23.63 31.36 -9.42
N GLY A 218 22.75 30.56 -10.03
CA GLY A 218 22.99 30.00 -11.35
C GLY A 218 23.10 31.10 -12.40
N HIS A 219 22.32 32.16 -12.22
CA HIS A 219 22.33 33.30 -13.13
C HIS A 219 23.67 34.03 -13.12
N ILE A 220 24.56 33.72 -12.18
CA ILE A 220 25.82 34.52 -12.09
C ILE A 220 27.06 33.60 -12.06
N SER A 221 26.89 32.33 -11.70
CA SER A 221 28.06 31.42 -11.51
C SER A 221 28.94 31.32 -12.76
N GLY A 222 28.35 31.25 -13.96
CA GLY A 222 29.14 31.04 -15.18
C GLY A 222 28.90 29.64 -15.71
N ASN A 223 28.64 28.67 -14.81
CA ASN A 223 28.28 27.29 -15.26
C ASN A 223 26.95 27.43 -16.01
N ASP A 224 26.84 26.88 -17.22
CA ASP A 224 25.60 27.04 -18.03
C ASP A 224 24.49 26.18 -17.42
N THR A 225 24.82 25.31 -16.47
CA THR A 225 23.83 24.49 -15.76
C THR A 225 24.32 24.33 -14.36
N TYR A 226 23.92 25.22 -13.45
CA TYR A 226 24.45 25.20 -12.06
C TYR A 226 23.55 24.37 -11.15
N SER A 227 24.16 23.62 -10.22
CA SER A 227 23.39 22.86 -9.21
C SER A 227 23.96 23.19 -7.82
N ALA A 228 23.11 23.21 -6.78
CA ALA A 228 23.53 23.54 -5.43
C ALA A 228 22.48 23.14 -4.40
N ILE A 229 22.93 22.93 -3.16
CA ILE A 229 22.04 22.66 -2.04
C ILE A 229 22.02 23.87 -1.12
N VAL A 230 20.85 24.48 -0.98
CA VAL A 230 20.75 25.71 -0.20
C VAL A 230 19.58 25.72 0.77
N THR A 231 19.65 26.64 1.72
CA THR A 231 18.51 26.97 2.57
C THR A 231 18.45 28.49 2.65
N ASN A 232 17.25 29.05 2.78
CA ASN A 232 17.14 30.51 2.75
C ASN A 232 16.01 31.07 3.62
N GLY A 233 16.12 30.90 4.93
CA GLY A 233 15.23 31.56 5.87
C GLY A 233 13.94 30.82 6.19
N GLU A 234 13.71 29.67 5.55
CA GLU A 234 12.49 28.92 5.81
C GLU A 234 12.76 27.73 6.71
N LEU A 235 11.92 27.57 7.72
CA LEU A 235 12.10 26.55 8.76
C LEU A 235 11.04 25.46 8.70
N ASP A 236 11.38 24.30 9.24
CA ASP A 236 10.50 23.15 9.28
C ASP A 236 9.60 23.17 10.52
N SER A 237 8.96 22.04 10.79
CA SER A 237 8.00 21.91 11.89
C SER A 237 8.63 21.98 13.29
N THR A 238 9.95 21.91 13.35
CA THR A 238 10.68 21.93 14.63
C THR A 238 11.42 23.24 14.82
N GLY A 239 11.72 23.91 13.71
CA GLY A 239 12.47 25.16 13.76
C GLY A 239 13.85 25.01 13.12
N ASP A 240 14.09 23.88 12.47
CA ASP A 240 15.36 23.67 11.78
C ASP A 240 15.23 24.12 10.33
N PRO A 241 16.33 24.51 9.68
CA PRO A 241 16.39 24.94 8.29
C PRO A 241 15.87 23.89 7.31
N ILE A 242 15.16 24.34 6.29
CA ILE A 242 14.74 23.47 5.20
C ILE A 242 15.74 23.57 4.06
N TRP A 243 16.37 22.45 3.73
CA TRP A 243 17.35 22.42 2.65
C TRP A 243 16.73 21.82 1.39
N ARG A 244 17.03 22.42 0.24
CA ARG A 244 16.57 21.87 -1.03
C ARG A 244 17.67 21.94 -2.08
N LYS A 245 17.73 20.91 -2.92
CA LYS A 245 18.70 20.88 -4.02
C LYS A 245 18.05 21.36 -5.30
N GLY A 246 18.62 22.40 -5.87
CA GLY A 246 18.06 22.98 -7.07
C GLY A 246 18.99 22.85 -8.26
N VAL A 247 18.40 22.86 -9.44
CA VAL A 247 19.18 22.86 -10.68
C VAL A 247 18.70 24.01 -11.57
N ALA A 248 19.64 24.84 -11.99
CA ALA A 248 19.32 25.97 -12.84
C ALA A 248 20.11 25.91 -14.14
N LEU A 249 19.45 26.20 -15.24
CA LEU A 249 20.10 26.17 -16.55
C LEU A 249 20.08 27.55 -17.18
N THR A 250 21.24 27.99 -17.66
CA THR A 250 21.36 29.31 -18.27
C THR A 250 21.47 29.22 -19.78
N LYS A 251 20.59 29.94 -20.47
CA LYS A 251 20.57 29.89 -21.95
C LYS A 251 21.11 31.20 -22.53
N GLN A 252 21.99 31.10 -23.53
CA GLN A 252 22.53 32.27 -24.21
C GLN A 252 21.56 32.76 -25.28
N PRO A 253 21.44 34.07 -25.45
CA PRO A 253 20.56 34.75 -26.40
C PRO A 253 21.07 34.59 -27.81
N ILE A 254 20.16 34.63 -28.77
CA ILE A 254 20.53 34.63 -30.18
C ILE A 254 20.70 36.07 -30.64
N ASP A 255 19.70 36.87 -30.34
CA ASP A 255 19.77 38.31 -30.61
C ASP A 255 20.27 39.01 -29.34
N SER A 256 21.49 39.53 -29.40
CA SER A 256 22.14 40.08 -28.22
C SER A 256 21.75 41.54 -27.96
N SER A 257 20.94 42.11 -28.84
CA SER A 257 20.56 43.51 -28.73
C SER A 257 19.06 43.71 -28.52
N ARG A 258 18.42 42.79 -27.80
CA ARG A 258 17.01 42.93 -27.48
C ARG A 258 16.62 42.12 -26.25
N ALA A 259 15.57 42.55 -25.56
CA ALA A 259 15.02 41.81 -24.45
C ALA A 259 13.77 41.05 -24.87
N ASP A 260 13.68 39.78 -24.49
CA ASP A 260 12.47 39.00 -24.74
C ASP A 260 11.68 38.89 -23.44
N LEU A 261 10.46 39.41 -23.43
CA LEU A 261 9.67 39.45 -22.20
C LEU A 261 8.32 38.76 -22.34
N ALA A 262 7.90 38.13 -21.25
CA ALA A 262 6.57 37.54 -21.16
C ALA A 262 5.72 38.31 -20.15
N PHE A 263 4.50 38.64 -20.54
CA PHE A 263 3.60 39.39 -19.67
C PHE A 263 2.28 38.65 -19.48
N PHE A 264 1.91 38.41 -18.23
CA PHE A 264 0.65 37.75 -17.91
C PHE A 264 -0.30 38.75 -17.27
N VAL A 265 -1.32 39.15 -18.02
CA VAL A 265 -2.20 40.23 -17.59
C VAL A 265 -3.56 39.71 -17.16
N SER A 266 -3.91 39.96 -15.90
CA SER A 266 -5.16 39.51 -15.33
C SER A 266 -5.99 40.68 -14.80
N VAL A 267 -7.32 40.56 -14.89
CA VAL A 267 -8.22 41.60 -14.38
C VAL A 267 -8.21 41.62 -12.85
N THR B 28 -27.64 -30.06 -25.55
CA THR B 28 -28.85 -30.22 -24.75
C THR B 28 -28.56 -30.18 -23.25
N GLU B 29 -27.34 -30.55 -22.86
CA GLU B 29 -26.93 -30.53 -21.46
C GLU B 29 -26.67 -29.12 -20.98
N ASP B 30 -26.39 -28.23 -21.91
CA ASP B 30 -26.23 -26.82 -21.58
C ASP B 30 -27.54 -26.30 -20.99
N GLU B 31 -28.65 -26.79 -21.52
CA GLU B 31 -29.97 -26.38 -21.06
C GLU B 31 -30.30 -26.99 -19.70
N LYS B 32 -30.00 -28.27 -19.54
CA LYS B 32 -30.23 -28.91 -18.22
C LYS B 32 -29.44 -28.16 -17.15
N ALA B 33 -28.16 -27.88 -17.41
CA ALA B 33 -27.31 -27.24 -16.42
C ALA B 33 -27.93 -25.92 -15.97
N LYS B 34 -28.55 -25.21 -16.89
CA LYS B 34 -29.16 -23.92 -16.58
C LYS B 34 -30.34 -24.04 -15.63
N GLU B 35 -31.25 -25.00 -15.88
CA GLU B 35 -32.40 -25.13 -14.99
C GLU B 35 -31.97 -25.63 -13.62
N PHE B 36 -30.92 -26.44 -13.57
CA PHE B 36 -30.36 -26.89 -12.31
C PHE B 36 -29.87 -25.72 -11.48
N LEU B 37 -29.07 -24.85 -12.10
CA LEU B 37 -28.51 -23.71 -11.40
C LEU B 37 -29.61 -22.75 -10.96
N GLU B 38 -30.65 -22.58 -11.76
CA GLU B 38 -31.76 -21.70 -11.38
C GLU B 38 -32.42 -22.19 -10.10
N LYS B 39 -32.72 -23.49 -10.05
CA LYS B 39 -33.33 -24.07 -8.86
C LYS B 39 -32.40 -23.98 -7.65
N PHE B 40 -31.10 -24.18 -7.89
CA PHE B 40 -30.11 -24.08 -6.84
C PHE B 40 -30.14 -22.70 -6.20
N ASP B 41 -30.10 -21.66 -7.02
CA ASP B 41 -30.08 -20.30 -6.50
C ASP B 41 -31.29 -19.97 -5.64
N LEU B 42 -32.47 -20.42 -6.04
CA LEU B 42 -33.67 -20.07 -5.31
C LEU B 42 -33.63 -20.60 -3.88
N GLU B 43 -33.18 -21.83 -3.71
CA GLU B 43 -33.08 -22.41 -2.38
C GLU B 43 -31.82 -21.93 -1.65
N ALA B 44 -30.73 -21.77 -2.38
CA ALA B 44 -29.44 -21.42 -1.80
C ALA B 44 -29.47 -20.06 -1.12
N GLU B 45 -30.13 -19.08 -1.74
CA GLU B 45 -30.17 -17.74 -1.16
C GLU B 45 -30.99 -17.72 0.11
N LYS B 46 -32.08 -18.48 0.16
CA LYS B 46 -32.93 -18.53 1.34
C LYS B 46 -32.18 -19.11 2.52
N LEU B 47 -31.48 -20.21 2.29
CA LEU B 47 -30.76 -20.91 3.34
C LEU B 47 -29.51 -20.13 3.76
N TYR B 48 -28.87 -19.47 2.81
CA TYR B 48 -27.70 -18.65 3.10
C TYR B 48 -28.07 -17.51 4.02
N HIS B 49 -29.16 -16.81 3.70
CA HIS B 49 -29.58 -15.64 4.47
C HIS B 49 -29.89 -16.01 5.91
N GLN B 50 -30.68 -17.06 6.13
CA GLN B 50 -31.05 -17.41 7.49
C GLN B 50 -29.85 -17.91 8.29
N SER B 51 -28.90 -18.53 7.60
CA SER B 51 -27.70 -19.02 8.26
C SER B 51 -26.82 -17.86 8.69
N SER B 52 -26.68 -16.88 7.81
CA SER B 52 -25.86 -15.71 8.08
C SER B 52 -26.48 -14.83 9.17
N LEU B 53 -27.81 -14.75 9.19
CA LEU B 53 -28.50 -13.97 10.21
C LEU B 53 -28.28 -14.57 11.60
N ALA B 54 -28.36 -15.89 11.68
CA ALA B 54 -28.16 -16.56 12.95
C ALA B 54 -26.75 -16.31 13.47
N SER B 55 -25.77 -16.35 12.57
CA SER B 55 -24.38 -16.09 12.95
C SER B 55 -24.21 -14.66 13.45
N TRP B 56 -24.79 -13.70 12.73
CA TRP B 56 -24.75 -12.30 13.15
C TRP B 56 -25.31 -12.12 14.55
N ASN B 57 -26.50 -12.69 14.78
CA ASN B 57 -27.18 -12.54 16.05
C ASN B 57 -26.32 -13.07 17.19
N TYR B 58 -25.64 -14.17 16.96
CA TYR B 58 -24.73 -14.71 17.97
C TYR B 58 -23.58 -13.75 18.26
N ASN B 59 -22.92 -13.28 17.22
CA ASN B 59 -21.72 -12.45 17.40
C ASN B 59 -22.00 -11.11 18.07
N THR B 60 -23.22 -10.59 17.92
CA THR B 60 -23.58 -9.31 18.51
C THR B 60 -24.43 -9.44 19.80
N ASN B 61 -24.45 -10.63 20.41
CA ASN B 61 -25.21 -10.91 21.64
C ASN B 61 -24.50 -11.95 22.50
N ILE B 62 -24.17 -13.10 21.89
CA ILE B 62 -23.53 -14.26 22.51
C ILE B 62 -24.31 -14.84 23.69
N THR B 63 -25.22 -15.77 23.39
CA THR B 63 -25.97 -16.47 24.43
C THR B 63 -25.98 -17.96 24.11
N GLU B 64 -26.44 -18.76 25.06
CA GLU B 64 -26.57 -20.20 24.81
C GLU B 64 -27.66 -20.47 23.78
N GLU B 65 -28.73 -19.69 23.84
CA GLU B 65 -29.82 -19.83 22.89
C GLU B 65 -29.35 -19.49 21.48
N ASN B 66 -28.55 -18.43 21.37
CA ASN B 66 -28.10 -17.96 20.06
C ASN B 66 -27.09 -18.90 19.42
N VAL B 67 -26.22 -19.53 20.21
CA VAL B 67 -25.25 -20.44 19.64
C VAL B 67 -25.97 -21.68 19.12
N LYS B 68 -27.04 -22.08 19.81
CA LYS B 68 -27.82 -23.26 19.36
C LYS B 68 -28.48 -22.92 18.02
N LYS B 69 -29.09 -21.75 17.92
CA LYS B 69 -29.78 -21.36 16.69
C LYS B 69 -28.80 -21.27 15.53
N MET B 70 -27.60 -20.75 15.80
CA MET B 70 -26.55 -20.66 14.80
C MET B 70 -26.15 -22.04 14.32
N ASN B 71 -25.96 -22.97 15.26
CA ASN B 71 -25.49 -24.30 14.91
C ASN B 71 -26.49 -25.07 14.03
N GLU B 72 -27.78 -24.98 14.36
CA GLU B 72 -28.76 -25.69 13.55
C GLU B 72 -28.96 -25.05 12.19
N ALA B 73 -28.83 -23.73 12.12
CA ALA B 73 -28.95 -23.02 10.86
C ALA B 73 -27.80 -23.39 9.92
N ASP B 74 -26.60 -23.52 10.48
CA ASP B 74 -25.45 -23.90 9.70
C ASP B 74 -25.60 -25.32 9.18
N ARG B 75 -26.18 -26.19 10.00
CA ARG B 75 -26.39 -27.58 9.60
C ARG B 75 -27.25 -27.69 8.35
N GLU B 76 -28.39 -26.99 8.35
CA GLU B 76 -29.31 -27.06 7.22
C GLU B 76 -28.64 -26.62 5.91
N TRP B 77 -27.89 -25.53 5.96
CA TRP B 77 -27.21 -25.05 4.77
C TRP B 77 -26.21 -26.08 4.27
N SER B 78 -25.43 -26.64 5.20
CA SER B 78 -24.39 -27.59 4.86
C SER B 78 -24.94 -28.82 4.14
N THR B 79 -26.05 -29.37 4.65
CA THR B 79 -26.61 -30.56 4.01
C THR B 79 -27.16 -30.23 2.63
N PHE B 80 -27.78 -29.07 2.51
CA PHE B 80 -28.26 -28.63 1.20
C PHE B 80 -27.14 -28.52 0.18
N TYR B 81 -26.08 -27.85 0.58
CA TYR B 81 -24.97 -27.56 -0.32
C TYR B 81 -24.32 -28.86 -0.80
N GLU B 82 -24.08 -29.78 0.13
CA GLU B 82 -23.42 -31.04 -0.22
C GLU B 82 -24.28 -31.88 -1.17
N ASN B 83 -25.60 -31.91 -0.92
CA ASN B 83 -26.54 -32.66 -1.76
C ASN B 83 -26.53 -32.15 -3.21
N MET B 84 -26.39 -30.82 -3.40
CA MET B 84 -26.39 -30.24 -4.74
C MET B 84 -25.00 -30.25 -5.36
N THR B 85 -23.98 -30.52 -4.54
CA THR B 85 -22.64 -30.74 -5.07
C THR B 85 -22.61 -32.06 -5.81
N LYS B 86 -23.18 -33.08 -5.19
CA LYS B 86 -23.23 -34.40 -5.79
C LYS B 86 -23.97 -34.38 -7.13
N ILE B 87 -25.00 -33.55 -7.23
CA ILE B 87 -25.75 -33.43 -8.48
C ILE B 87 -24.91 -32.71 -9.55
N ALA B 88 -24.25 -31.63 -9.15
CA ALA B 88 -23.41 -30.87 -10.07
C ALA B 88 -22.30 -31.74 -10.67
N LYS B 89 -21.80 -32.70 -9.89
CA LYS B 89 -20.72 -33.57 -10.33
C LYS B 89 -21.18 -34.65 -11.30
N ASN B 90 -22.48 -34.68 -11.57
CA ASN B 90 -23.02 -35.63 -12.54
C ASN B 90 -23.16 -34.99 -13.92
N TYR B 91 -22.77 -33.72 -14.01
CA TYR B 91 -22.79 -33.04 -15.29
C TYR B 91 -21.44 -33.20 -15.98
N ASN B 92 -21.46 -33.25 -17.32
CA ASN B 92 -20.30 -33.36 -18.17
C ASN B 92 -19.82 -31.96 -18.60
N LEU B 93 -18.87 -31.41 -17.85
CA LEU B 93 -18.46 -30.02 -17.95
C LEU B 93 -17.91 -29.67 -19.34
N SER B 94 -17.31 -30.65 -19.99
CA SER B 94 -16.66 -30.46 -21.28
C SER B 94 -17.63 -30.16 -22.42
N GLN B 95 -18.93 -30.38 -22.21
CA GLN B 95 -19.89 -30.10 -23.27
C GLN B 95 -20.79 -28.91 -22.95
N ILE B 96 -20.39 -28.11 -21.97
CA ILE B 96 -21.13 -26.89 -21.64
C ILE B 96 -20.63 -25.76 -22.52
N THR B 97 -21.56 -25.04 -23.14
CA THR B 97 -21.19 -23.98 -24.08
C THR B 97 -21.06 -22.63 -23.40
N ASP B 98 -21.99 -22.32 -22.51
CA ASP B 98 -22.00 -21.03 -21.82
C ASP B 98 -20.97 -21.00 -20.70
N ASP B 99 -19.98 -20.11 -20.81
CA ASP B 99 -18.88 -20.05 -19.86
C ASP B 99 -19.36 -19.72 -18.45
N LYS B 100 -20.34 -18.84 -18.34
CA LYS B 100 -20.80 -18.55 -17.02
C LYS B 100 -21.43 -19.76 -16.40
N VAL B 101 -22.18 -20.60 -17.13
CA VAL B 101 -22.74 -21.84 -16.61
C VAL B 101 -21.61 -22.78 -16.22
N LYS B 102 -20.57 -22.84 -17.05
CA LYS B 102 -19.42 -23.67 -16.78
C LYS B 102 -18.77 -23.30 -15.45
N ARG B 103 -18.58 -21.99 -15.22
CA ARG B 103 -17.98 -21.52 -13.98
C ARG B 103 -18.85 -21.79 -12.75
N GLN B 104 -20.16 -21.65 -12.89
CA GLN B 104 -21.04 -21.93 -11.77
C GLN B 104 -21.02 -23.40 -11.41
N LEU B 105 -20.96 -24.27 -12.41
CA LEU B 105 -20.87 -25.70 -12.16
C LEU B 105 -19.57 -26.03 -11.45
N GLN B 106 -18.49 -25.36 -11.87
CA GLN B 106 -17.19 -25.55 -11.26
C GLN B 106 -17.17 -25.10 -9.81
N ALA B 107 -17.89 -24.03 -9.50
CA ALA B 107 -17.96 -23.57 -8.13
C ALA B 107 -18.48 -24.68 -7.21
N LEU B 108 -19.43 -25.46 -7.72
CA LEU B 108 -19.98 -26.57 -6.94
C LEU B 108 -19.10 -27.81 -7.01
N GLN B 109 -18.66 -28.17 -8.21
CA GLN B 109 -17.90 -29.40 -8.41
C GLN B 109 -16.56 -29.40 -7.66
N GLN B 110 -15.90 -28.24 -7.62
CA GLN B 110 -14.59 -28.07 -7.00
C GLN B 110 -14.74 -27.56 -5.57
N GLU B 117 -9.85 -42.33 5.01
CA GLU B 117 -8.73 -41.55 5.52
C GLU B 117 -9.16 -40.19 6.09
N ASN B 118 -10.40 -39.76 5.78
CA ASN B 118 -10.94 -38.48 6.23
C ASN B 118 -11.08 -38.41 7.75
N LYS B 119 -11.42 -39.54 8.36
CA LYS B 119 -11.58 -39.58 9.81
C LYS B 119 -10.23 -39.40 10.49
N ARG B 120 -9.19 -40.05 9.95
CA ARG B 120 -7.86 -39.93 10.52
C ARG B 120 -7.33 -38.53 10.36
N LEU B 121 -7.58 -37.92 9.21
CA LEU B 121 -7.10 -36.58 8.94
C LEU B 121 -7.75 -35.57 9.86
N ASN B 122 -9.06 -35.73 10.08
CA ASN B 122 -9.77 -34.80 10.96
C ASN B 122 -9.24 -34.87 12.39
N ASN B 123 -8.83 -36.07 12.82
CA ASN B 123 -8.28 -36.23 14.16
C ASN B 123 -6.94 -35.52 14.28
N ILE B 124 -6.12 -35.63 13.23
CA ILE B 124 -4.82 -34.97 13.21
C ILE B 124 -4.98 -33.46 13.21
N LEU B 125 -5.90 -32.96 12.39
CA LEU B 125 -6.11 -31.52 12.27
C LEU B 125 -6.65 -30.91 13.56
N ASN B 126 -7.54 -31.64 14.24
CA ASN B 126 -8.12 -31.12 15.46
C ASN B 126 -7.09 -31.09 16.59
N GLU B 127 -6.23 -32.10 16.64
CA GLU B 127 -5.20 -32.14 17.67
C GLU B 127 -4.16 -31.05 17.47
N MET B 128 -3.76 -30.82 16.22
CA MET B 128 -2.78 -29.79 15.92
C MET B 128 -3.26 -28.40 16.34
N SER B 129 -4.52 -28.11 16.02
CA SER B 129 -5.09 -26.82 16.39
C SER B 129 -5.12 -26.64 17.90
N THR B 130 -5.52 -27.70 18.61
CA THR B 130 -5.58 -27.66 20.07
C THR B 130 -4.23 -27.41 20.70
N ILE B 131 -3.21 -28.10 20.22
CA ILE B 131 -1.86 -27.96 20.78
C ILE B 131 -1.37 -26.54 20.65
N TYR B 132 -1.58 -25.94 19.48
CA TYR B 132 -1.17 -24.55 19.28
C TYR B 132 -1.92 -23.64 20.24
N SER B 133 -3.24 -23.77 20.29
CA SER B 133 -4.09 -22.87 21.06
C SER B 133 -3.78 -22.86 22.55
N THR B 134 -3.48 -24.03 23.10
CA THR B 134 -3.25 -24.16 24.53
C THR B 134 -1.78 -24.18 24.90
N GLY B 135 -0.91 -23.87 23.94
CA GLY B 135 0.52 -23.90 24.19
C GLY B 135 0.95 -22.85 25.20
N LYS B 136 1.89 -23.22 26.07
CA LYS B 136 2.40 -22.33 27.11
C LYS B 136 3.89 -22.57 27.35
N VAL B 137 4.58 -21.55 27.86
CA VAL B 137 5.99 -21.68 28.20
C VAL B 137 6.22 -21.42 29.70
N CYS B 138 6.81 -22.40 30.38
CA CYS B 138 7.02 -22.35 31.83
C CYS B 138 8.39 -21.83 32.18
N LYS B 139 8.48 -21.08 33.28
CA LYS B 139 9.74 -20.55 33.76
C LYS B 139 10.60 -21.66 34.37
N PRO B 140 11.92 -21.66 34.12
CA PRO B 140 12.89 -22.68 34.49
C PRO B 140 13.11 -22.79 35.99
N ASN B 141 12.73 -21.75 36.73
CA ASN B 141 12.93 -21.75 38.17
C ASN B 141 11.61 -21.87 38.92
N ASN B 142 10.57 -22.27 38.20
CA ASN B 142 9.23 -22.38 38.76
C ASN B 142 8.21 -22.87 37.71
N PRO B 143 8.14 -24.19 37.51
CA PRO B 143 7.31 -24.91 36.55
C PRO B 143 5.81 -24.69 36.74
N GLN B 144 5.44 -24.09 37.87
CA GLN B 144 4.02 -23.86 38.16
C GLN B 144 3.54 -22.51 37.64
N GLN B 145 4.46 -21.71 37.11
CA GLN B 145 4.10 -20.41 36.56
C GLN B 145 4.48 -20.34 35.08
N CYS B 146 3.47 -20.38 34.20
CA CYS B 146 3.66 -20.52 32.77
C CYS B 146 2.85 -19.47 32.00
N LEU B 147 3.46 -18.92 30.95
CA LEU B 147 2.81 -17.91 30.14
C LEU B 147 2.25 -18.49 28.85
N LEU B 148 1.09 -17.99 28.47
CA LEU B 148 0.47 -18.36 27.21
C LEU B 148 0.73 -17.28 26.17
N LEU B 149 0.63 -17.66 24.91
CA LEU B 149 1.00 -16.77 23.81
C LEU B 149 0.39 -15.38 23.97
N ALA B 150 -0.93 -15.33 24.15
CA ALA B 150 -1.66 -14.06 24.14
C ALA B 150 -1.79 -13.43 25.53
N THR B 151 -1.14 -14.00 26.53
CA THR B 151 -1.28 -13.49 27.89
C THR B 151 0.03 -12.91 28.42
N GLY B 152 1.10 -13.01 27.64
CA GLY B 152 2.40 -12.56 28.13
C GLY B 152 3.55 -12.78 27.15
N LEU B 153 3.58 -13.91 26.46
CA LEU B 153 4.72 -14.19 25.58
C LEU B 153 4.82 -13.20 24.42
N GLU B 154 3.68 -12.81 23.86
CA GLU B 154 3.65 -11.81 22.80
C GLU B 154 4.14 -10.45 23.28
N ASP B 155 3.93 -10.15 24.56
CA ASP B 155 4.34 -8.87 25.11
C ASP B 155 5.85 -8.86 25.36
N ILE B 156 6.41 -10.01 25.68
CA ILE B 156 7.84 -10.11 25.82
C ILE B 156 8.52 -9.88 24.48
N MET B 157 8.01 -10.54 23.45
CA MET B 157 8.60 -10.43 22.12
C MET B 157 8.43 -9.02 21.54
N GLN B 158 7.37 -8.33 21.94
CA GLN B 158 7.12 -6.97 21.47
C GLN B 158 7.88 -5.89 22.23
N TYR B 159 7.93 -6.00 23.56
CA TYR B 159 8.47 -4.92 24.37
C TYR B 159 9.83 -5.18 25.03
N SER B 160 10.21 -6.44 25.18
CA SER B 160 11.43 -6.74 25.93
C SER B 160 12.67 -6.31 25.17
N LYS B 161 13.64 -5.76 25.89
CA LYS B 161 14.93 -5.41 25.31
C LYS B 161 16.04 -6.24 25.91
N ASP B 162 15.66 -7.27 26.67
CA ASP B 162 16.62 -8.15 27.31
C ASP B 162 16.89 -9.38 26.46
N TYR B 163 18.10 -9.46 25.93
CA TYR B 163 18.49 -10.53 25.02
C TYR B 163 18.07 -11.90 25.54
N ASP B 164 18.26 -12.13 26.84
CA ASP B 164 18.04 -13.45 27.42
C ASP B 164 16.57 -13.72 27.70
N GLU B 165 15.81 -12.67 27.99
CA GLU B 165 14.39 -12.83 28.24
C GLU B 165 13.68 -13.13 26.93
N ARG B 166 14.13 -12.46 25.86
CA ARG B 166 13.58 -12.65 24.54
C ARG B 166 13.88 -14.04 24.03
N LEU B 167 15.09 -14.52 24.31
CA LEU B 167 15.51 -15.85 23.90
C LEU B 167 14.71 -16.93 24.62
N TRP B 168 14.44 -16.72 25.90
CA TRP B 168 13.64 -17.69 26.65
C TRP B 168 12.26 -17.87 26.02
N ALA B 169 11.59 -16.76 25.72
CA ALA B 169 10.26 -16.85 25.12
C ALA B 169 10.31 -17.50 23.74
N TRP B 170 11.33 -17.15 22.95
CA TRP B 170 11.46 -17.66 21.59
C TRP B 170 11.70 -19.16 21.56
N GLU B 171 12.72 -19.61 22.28
CA GLU B 171 13.10 -21.02 22.34
C GLU B 171 12.07 -21.83 23.10
N GLY B 172 11.49 -21.24 24.14
CA GLY B 172 10.50 -21.93 24.95
C GLY B 172 9.28 -22.30 24.10
N TRP B 173 8.80 -21.37 23.29
CA TRP B 173 7.63 -21.62 22.46
C TRP B 173 7.88 -22.79 21.50
N ARG B 174 9.02 -22.78 20.85
CA ARG B 174 9.34 -23.81 19.87
C ARG B 174 9.67 -25.15 20.53
N SER B 175 10.30 -25.10 21.69
CA SER B 175 10.62 -26.32 22.41
C SER B 175 9.35 -26.98 22.96
N GLN B 176 8.45 -26.17 23.51
CA GLN B 176 7.25 -26.71 24.16
C GLN B 176 6.10 -27.03 23.21
N VAL B 177 5.95 -26.22 22.16
CA VAL B 177 4.82 -26.40 21.25
C VAL B 177 5.27 -27.05 19.94
N GLY B 178 6.33 -26.50 19.37
CA GLY B 178 6.84 -26.96 18.09
C GLY B 178 7.21 -28.45 18.09
N LYS B 179 7.67 -28.95 19.24
CA LYS B 179 8.10 -30.34 19.33
C LYS B 179 6.93 -31.30 19.53
N GLN B 180 5.74 -30.77 19.77
CA GLN B 180 4.55 -31.61 19.90
C GLN B 180 3.90 -31.80 18.56
N LEU B 181 4.08 -30.84 17.67
CA LEU B 181 3.43 -30.85 16.38
C LEU B 181 4.21 -31.62 15.32
N ARG B 182 5.39 -32.14 15.67
CA ARG B 182 6.17 -32.90 14.71
C ARG B 182 5.48 -34.14 14.13
N PRO B 183 5.10 -35.13 14.93
CA PRO B 183 4.52 -36.37 14.47
C PRO B 183 3.18 -36.14 13.81
N LEU B 184 2.52 -35.05 14.20
CA LEU B 184 1.22 -34.72 13.65
C LEU B 184 1.37 -34.07 12.29
N TYR B 185 2.39 -33.23 12.12
CA TYR B 185 2.60 -32.58 10.84
C TYR B 185 3.05 -33.60 9.82
N GLU B 186 3.83 -34.59 10.26
CA GLU B 186 4.29 -35.64 9.37
C GLU B 186 3.12 -36.47 8.84
N LYS B 187 2.20 -36.83 9.73
CA LYS B 187 1.01 -37.59 9.33
C LYS B 187 0.09 -36.74 8.46
N TYR B 188 -0.01 -35.46 8.81
CA TYR B 188 -0.78 -34.49 8.05
C TYR B 188 -0.34 -34.42 6.59
N VAL B 189 0.96 -34.30 6.37
CA VAL B 189 1.49 -34.20 5.01
C VAL B 189 1.18 -35.44 4.18
N ASP B 190 1.37 -36.63 4.77
CA ASP B 190 1.12 -37.85 4.03
C ASP B 190 -0.35 -38.00 3.65
N LEU B 191 -1.25 -37.69 4.59
CA LEU B 191 -2.68 -37.83 4.36
C LEU B 191 -3.19 -36.81 3.36
N LYS B 192 -2.67 -35.59 3.42
CA LYS B 192 -3.09 -34.55 2.49
C LYS B 192 -2.67 -34.85 1.07
N ASN B 193 -1.48 -35.42 0.89
CA ASN B 193 -1.03 -35.78 -0.46
C ASN B 193 -1.89 -36.87 -1.06
N GLU B 194 -2.32 -37.83 -0.24
CA GLU B 194 -3.18 -38.89 -0.74
C GLU B 194 -4.51 -38.33 -1.22
N MET B 195 -5.05 -37.37 -0.46
CA MET B 195 -6.30 -36.71 -0.84
C MET B 195 -6.15 -35.98 -2.17
N ALA B 196 -5.10 -35.18 -2.29
CA ALA B 196 -4.90 -34.36 -3.49
C ALA B 196 -4.72 -35.23 -4.72
N ARG B 197 -4.00 -36.35 -4.56
CA ARG B 197 -3.75 -37.26 -5.67
C ARG B 197 -5.01 -37.99 -6.11
N GLU B 198 -5.90 -38.28 -5.17
CA GLU B 198 -7.18 -38.89 -5.51
C GLU B 198 -7.96 -37.96 -6.45
N LYS B 199 -7.79 -36.65 -6.24
CA LYS B 199 -8.44 -35.62 -7.04
C LYS B 199 -7.62 -35.25 -8.27
N ASN B 200 -6.62 -36.07 -8.59
CA ASN B 200 -5.74 -35.91 -9.75
C ASN B 200 -4.84 -34.68 -9.71
N TYR B 201 -4.34 -34.35 -8.52
CA TYR B 201 -3.30 -33.34 -8.37
C TYR B 201 -1.98 -34.05 -8.06
N GLU B 202 -0.86 -33.40 -8.34
CA GLU B 202 0.42 -34.03 -8.05
C GLU B 202 0.62 -34.19 -6.55
N ASP B 203 0.23 -33.17 -5.80
CA ASP B 203 0.37 -33.15 -4.35
C ASP B 203 -0.53 -32.05 -3.77
N TYR B 204 -0.50 -31.90 -2.44
CA TYR B 204 -1.34 -30.90 -1.79
C TYR B 204 -0.90 -29.47 -2.10
N GLY B 205 0.38 -29.27 -2.40
CA GLY B 205 0.88 -27.95 -2.77
C GLY B 205 0.29 -27.56 -4.13
N ASP B 206 0.25 -28.53 -5.03
CA ASP B 206 -0.33 -28.37 -6.36
C ASP B 206 -1.82 -28.09 -6.24
N TYR B 207 -2.48 -28.75 -5.29
CA TYR B 207 -3.88 -28.53 -5.02
C TYR B 207 -4.14 -27.07 -4.63
N TRP B 208 -3.34 -26.55 -3.69
CA TRP B 208 -3.47 -25.17 -3.24
C TRP B 208 -3.28 -24.14 -4.36
N ARG B 209 -2.32 -24.39 -5.23
CA ARG B 209 -2.01 -23.45 -6.31
C ARG B 209 -3.12 -23.39 -7.35
N GLY B 210 -4.10 -24.28 -7.23
CA GLY B 210 -5.22 -24.33 -8.16
C GLY B 210 -6.13 -23.12 -7.98
N ASP B 211 -5.95 -22.39 -6.88
CA ASP B 211 -6.76 -21.22 -6.60
C ASP B 211 -6.45 -20.07 -7.54
N TYR B 212 -5.35 -20.17 -8.29
CA TYR B 212 -4.97 -19.15 -9.25
C TYR B 212 -5.15 -19.63 -10.69
N GLU B 213 -5.63 -20.85 -10.85
CA GLU B 213 -5.77 -21.43 -12.18
C GLU B 213 -7.04 -20.96 -12.86
N THR B 214 -6.91 -20.51 -14.10
CA THR B 214 -8.08 -20.07 -14.86
C THR B 214 -8.02 -20.55 -16.31
N ASP B 215 -9.18 -20.59 -16.95
CA ASP B 215 -9.27 -20.83 -18.38
C ASP B 215 -9.30 -19.48 -19.09
N GLY B 216 -9.39 -19.50 -20.42
CA GLY B 216 -9.50 -18.27 -21.19
C GLY B 216 -8.78 -18.34 -22.52
N LYS B 217 -9.11 -17.41 -23.41
CA LYS B 217 -8.49 -17.34 -24.72
C LYS B 217 -7.09 -16.73 -24.62
N GLU B 218 -6.25 -17.02 -25.62
CA GLU B 218 -4.87 -16.54 -25.69
C GLU B 218 -4.16 -16.67 -24.33
N ASP B 219 -3.64 -15.57 -23.81
CA ASP B 219 -2.85 -15.63 -22.58
C ASP B 219 -3.64 -15.23 -21.33
N TYR B 220 -4.96 -15.27 -21.41
CA TYR B 220 -5.79 -15.05 -20.22
C TYR B 220 -5.77 -16.27 -19.31
N ALA B 221 -5.53 -17.44 -19.89
CA ALA B 221 -5.44 -18.66 -19.12
C ALA B 221 -4.22 -18.62 -18.21
N TYR B 222 -4.32 -19.24 -17.04
CA TYR B 222 -3.21 -19.22 -16.09
C TYR B 222 -3.01 -20.62 -15.51
N SER B 223 -1.79 -21.13 -15.59
CA SER B 223 -1.50 -22.50 -15.15
C SER B 223 -1.09 -22.54 -13.69
N ARG B 224 -1.25 -23.70 -13.06
CA ARG B 224 -0.91 -23.86 -11.64
C ARG B 224 0.59 -23.68 -11.39
N ASN B 225 1.41 -24.09 -12.34
CA ASN B 225 2.86 -23.99 -12.19
C ASN B 225 3.37 -22.62 -12.61
N GLN B 226 2.46 -21.78 -13.09
CA GLN B 226 2.80 -20.45 -13.55
C GLN B 226 2.95 -19.54 -12.34
N LEU B 227 2.22 -19.86 -11.27
CA LEU B 227 2.30 -19.09 -10.05
C LEU B 227 3.72 -19.13 -9.51
N ILE B 228 4.35 -20.29 -9.62
CA ILE B 228 5.70 -20.45 -9.09
C ILE B 228 6.67 -19.55 -9.84
N ASP B 229 6.56 -19.56 -11.17
CA ASP B 229 7.44 -18.73 -11.99
C ASP B 229 7.27 -17.25 -11.68
N ASP B 230 6.02 -16.81 -11.50
CA ASP B 230 5.76 -15.40 -11.21
C ASP B 230 6.18 -14.99 -9.81
N VAL B 231 6.01 -15.87 -8.84
CA VAL B 231 6.41 -15.56 -7.47
C VAL B 231 7.92 -15.42 -7.35
N GLU B 232 8.65 -16.35 -7.96
CA GLU B 232 10.12 -16.27 -7.93
C GLU B 232 10.62 -15.10 -8.75
N ARG B 233 9.97 -14.83 -9.88
CA ARG B 233 10.36 -13.75 -10.76
C ARG B 233 10.28 -12.39 -10.07
N THR B 234 9.18 -12.14 -9.36
CA THR B 234 9.02 -10.87 -8.67
C THR B 234 9.92 -10.78 -7.45
N PHE B 235 10.15 -11.90 -6.78
CA PHE B 235 11.01 -11.89 -5.59
C PHE B 235 12.40 -11.36 -5.90
N GLU B 236 12.96 -11.82 -7.01
CA GLU B 236 14.31 -11.42 -7.41
C GLU B 236 14.44 -9.92 -7.66
N GLU B 237 13.32 -9.24 -7.88
CA GLU B 237 13.34 -7.80 -8.15
C GLU B 237 13.25 -7.01 -6.85
N ILE B 238 12.88 -7.69 -5.77
CA ILE B 238 12.70 -7.05 -4.47
C ILE B 238 14.00 -7.10 -3.69
N LYS B 239 14.72 -8.21 -3.82
CA LYS B 239 15.94 -8.45 -3.06
C LYS B 239 16.76 -7.19 -2.75
N PRO B 240 17.17 -6.37 -3.74
CA PRO B 240 18.00 -5.18 -3.55
C PRO B 240 17.43 -4.23 -2.50
N LEU B 241 16.11 -4.11 -2.45
CA LEU B 241 15.43 -3.23 -1.50
C LEU B 241 15.52 -3.83 -0.10
N TYR B 242 15.36 -5.15 -0.03
CA TYR B 242 15.40 -5.85 1.23
C TYR B 242 16.81 -5.89 1.80
N GLU B 243 17.82 -6.08 0.95
CA GLU B 243 19.20 -6.14 1.41
C GLU B 243 19.64 -4.83 2.07
N HIS B 244 19.20 -3.71 1.50
CA HIS B 244 19.51 -2.41 2.08
C HIS B 244 18.72 -2.16 3.35
N LEU B 245 17.47 -2.59 3.39
CA LEU B 245 16.66 -2.47 4.59
C LEU B 245 17.22 -3.33 5.70
N HIS B 246 17.64 -4.53 5.35
CA HIS B 246 18.24 -5.49 6.26
C HIS B 246 19.52 -4.93 6.87
N ALA B 247 20.39 -4.36 6.02
CA ALA B 247 21.64 -3.77 6.48
C ALA B 247 21.41 -2.61 7.44
N TYR B 248 20.41 -1.77 7.14
CA TYR B 248 20.08 -0.65 8.00
C TYR B 248 19.62 -1.12 9.37
N VAL B 249 18.71 -2.09 9.39
CA VAL B 249 18.22 -2.63 10.64
C VAL B 249 19.37 -3.27 11.42
N ARG B 250 20.24 -3.96 10.72
CA ARG B 250 21.37 -4.62 11.36
C ARG B 250 22.24 -3.66 12.16
N THR B 251 22.54 -2.49 11.60
CA THR B 251 23.39 -1.55 12.30
C THR B 251 22.69 -0.93 13.51
N LYS B 252 21.36 -0.85 13.46
CA LYS B 252 20.61 -0.34 14.59
C LYS B 252 20.55 -1.36 15.73
N LEU B 253 20.38 -2.64 15.38
CA LEU B 253 20.33 -3.70 16.38
C LEU B 253 21.70 -3.91 17.01
N MET B 254 22.77 -3.66 16.27
CA MET B 254 24.11 -3.80 16.82
C MET B 254 24.36 -2.84 17.98
N ASP B 255 23.72 -1.68 17.95
CA ASP B 255 23.84 -0.73 19.05
C ASP B 255 22.97 -1.14 20.23
N ALA B 256 21.78 -1.64 19.91
CA ALA B 256 20.83 -2.11 20.92
C ALA B 256 21.36 -3.34 21.66
N TYR B 257 22.07 -4.20 20.94
CA TYR B 257 22.61 -5.44 21.50
C TYR B 257 24.10 -5.61 21.18
N PRO B 258 24.98 -4.88 21.87
CA PRO B 258 26.41 -4.80 21.63
C PRO B 258 27.06 -6.17 21.67
N SER B 259 27.95 -6.43 20.70
CA SER B 259 28.73 -7.66 20.62
C SER B 259 27.87 -8.92 20.40
N ARG B 260 26.59 -8.74 20.12
CA ARG B 260 25.72 -9.89 19.86
C ARG B 260 25.54 -10.13 18.36
N ILE B 261 25.68 -9.08 17.57
CA ILE B 261 25.41 -9.17 16.14
C ILE B 261 26.63 -8.81 15.32
N SER B 262 26.94 -9.66 14.33
CA SER B 262 28.05 -9.42 13.42
C SER B 262 27.62 -8.51 12.28
N PRO B 263 28.45 -7.52 11.90
CA PRO B 263 28.19 -6.52 10.88
C PRO B 263 28.03 -7.10 9.49
N THR B 264 28.48 -8.34 9.31
CA THR B 264 28.39 -9.00 8.01
C THR B 264 27.53 -10.25 8.06
N GLY B 265 26.84 -10.48 9.17
CA GLY B 265 26.12 -11.73 9.35
C GLY B 265 24.61 -11.57 9.33
N CYS B 266 23.93 -12.64 9.69
CA CYS B 266 22.47 -12.69 9.72
C CYS B 266 21.96 -12.14 11.04
N LEU B 267 20.68 -11.74 11.06
CA LEU B 267 20.07 -11.26 12.29
C LEU B 267 19.52 -12.43 13.09
N PRO B 268 19.78 -12.50 14.40
CA PRO B 268 19.20 -13.45 15.32
C PRO B 268 17.67 -13.38 15.27
N ALA B 269 17.05 -14.55 15.16
CA ALA B 269 15.61 -14.66 14.99
C ALA B 269 14.80 -14.01 16.11
N HIS B 270 15.30 -14.05 17.34
CA HIS B 270 14.52 -13.61 18.49
C HIS B 270 14.57 -12.10 18.72
N LEU B 271 15.37 -11.38 17.95
CA LEU B 271 15.54 -9.95 18.17
C LEU B 271 14.76 -9.08 17.17
N LEU B 272 13.83 -9.69 16.45
CA LEU B 272 13.10 -8.99 15.39
C LEU B 272 11.77 -8.38 15.86
N GLY B 273 11.48 -8.50 17.16
CA GLY B 273 10.26 -7.92 17.72
C GLY B 273 9.03 -8.78 17.48
N ASP B 274 9.22 -10.07 17.23
CA ASP B 274 8.13 -10.96 16.90
C ASP B 274 8.49 -12.41 17.21
N MET B 275 7.48 -13.22 17.53
CA MET B 275 7.69 -14.62 17.85
C MET B 275 8.16 -15.42 16.64
N TRP B 276 7.80 -14.99 15.44
CA TRP B 276 8.16 -15.73 14.23
C TRP B 276 9.03 -14.90 13.30
N GLY B 277 8.98 -13.58 13.45
CA GLY B 277 9.72 -12.67 12.58
C GLY B 277 8.92 -12.36 11.33
N ARG B 278 7.59 -12.43 11.45
CA ARG B 278 6.72 -12.20 10.31
C ARG B 278 6.74 -10.74 9.87
N PHE B 279 6.80 -9.84 10.85
CA PHE B 279 6.82 -8.41 10.56
C PHE B 279 7.97 -7.75 11.33
N TRP B 280 8.49 -6.65 10.80
CA TRP B 280 9.52 -5.89 11.50
C TRP B 280 8.95 -4.61 12.11
N THR B 281 7.63 -4.54 12.17
CA THR B 281 6.92 -3.36 12.64
C THR B 281 7.40 -2.87 13.99
N ASN B 282 7.66 -3.78 14.91
CA ASN B 282 7.99 -3.43 16.28
C ASN B 282 9.42 -2.92 16.46
N LEU B 283 10.18 -2.91 15.36
CA LEU B 283 11.55 -2.41 15.44
C LEU B 283 11.59 -0.91 15.19
N TYR B 284 10.47 -0.32 14.80
CA TYR B 284 10.41 1.09 14.47
C TYR B 284 11.03 1.97 15.57
N ASP B 285 10.75 1.64 16.82
CA ASP B 285 11.25 2.44 17.94
C ASP B 285 12.77 2.41 18.04
N LEU B 286 13.38 1.43 17.39
CA LEU B 286 14.83 1.28 17.40
C LEU B 286 15.45 1.83 16.12
N THR B 287 14.67 1.80 15.04
CA THR B 287 15.20 2.14 13.72
C THR B 287 14.79 3.52 13.24
N VAL B 288 13.80 4.14 13.88
CA VAL B 288 13.31 5.42 13.40
C VAL B 288 14.48 6.38 13.07
N PRO B 289 14.63 6.76 11.79
CA PRO B 289 15.61 7.67 11.25
C PRO B 289 15.72 8.97 12.02
N TYR B 290 14.58 9.64 12.21
CA TYR B 290 14.55 10.93 12.87
C TYR B 290 13.59 10.90 14.05
N GLY B 291 14.11 10.53 15.22
CA GLY B 291 13.26 10.29 16.39
C GLY B 291 12.60 11.57 16.92
N GLU B 292 13.11 12.71 16.48
CA GLU B 292 12.58 14.01 16.91
C GLU B 292 11.52 14.54 15.95
N LYS B 293 11.18 13.73 14.95
CA LYS B 293 10.25 14.13 13.91
C LYS B 293 8.98 13.26 13.91
N PRO B 294 7.99 13.59 14.76
CA PRO B 294 6.81 12.80 15.03
C PRO B 294 5.90 12.74 13.80
N THR B 295 5.17 11.63 13.67
CA THR B 295 4.24 11.46 12.57
C THR B 295 2.92 12.19 12.86
N ILE B 296 2.09 12.31 11.84
CA ILE B 296 0.79 12.97 12.01
C ILE B 296 -0.18 12.11 12.78
N ASP B 297 -0.81 12.71 13.79
CA ASP B 297 -1.79 12.05 14.62
C ASP B 297 -2.95 13.00 14.91
N VAL B 298 -4.13 12.66 14.42
CA VAL B 298 -5.29 13.54 14.52
C VAL B 298 -6.27 13.08 15.59
N THR B 299 -5.82 12.23 16.49
CA THR B 299 -6.67 11.77 17.58
C THR B 299 -7.19 12.95 18.39
N ALA B 300 -6.29 13.86 18.74
CA ALA B 300 -6.66 15.03 19.53
C ALA B 300 -7.65 15.91 18.79
N ALA B 301 -7.50 16.00 17.47
CA ALA B 301 -8.38 16.83 16.66
C ALA B 301 -9.81 16.31 16.68
N MET B 302 -9.95 14.99 16.55
CA MET B 302 -11.27 14.38 16.54
C MET B 302 -11.92 14.47 17.91
N ILE B 303 -11.11 14.39 18.97
CA ILE B 303 -11.65 14.51 20.31
C ILE B 303 -12.15 15.93 20.59
N ASN B 304 -11.33 16.94 20.23
CA ASN B 304 -11.71 18.35 20.43
C ASN B 304 -12.95 18.73 19.63
N GLN B 305 -13.07 18.17 18.40
CA GLN B 305 -14.20 18.43 17.50
C GLN B 305 -15.42 17.54 17.80
N SER B 306 -15.37 16.78 18.89
CA SER B 306 -16.47 15.94 19.34
C SER B 306 -16.93 14.92 18.31
N TRP B 307 -15.99 14.14 17.77
CA TRP B 307 -16.33 13.05 16.87
C TRP B 307 -16.79 11.82 17.63
N ASP B 308 -17.55 10.97 16.94
CA ASP B 308 -17.95 9.67 17.46
C ASP B 308 -18.02 8.65 16.34
N ALA B 309 -18.46 7.42 16.64
CA ALA B 309 -18.49 6.35 15.66
C ALA B 309 -19.38 6.69 14.47
N GLU B 310 -20.50 7.34 14.73
CA GLU B 310 -21.43 7.68 13.67
C GLU B 310 -20.81 8.69 12.71
N LYS B 311 -20.09 9.66 13.27
CA LYS B 311 -19.39 10.66 12.48
C LYS B 311 -18.29 10.04 11.62
N ILE B 312 -17.55 9.10 12.19
CA ILE B 312 -16.46 8.45 11.48
C ILE B 312 -16.95 7.69 10.26
N PHE B 313 -18.03 6.94 10.42
CA PHE B 313 -18.57 6.18 9.31
C PHE B 313 -19.26 7.05 8.28
N LYS B 314 -19.85 8.16 8.71
CA LYS B 314 -20.44 9.10 7.77
C LYS B 314 -19.37 9.75 6.89
N GLU B 315 -18.23 10.07 7.49
CA GLU B 315 -17.12 10.66 6.73
C GLU B 315 -16.56 9.64 5.75
N ALA B 316 -16.49 8.38 6.17
CA ALA B 316 -16.04 7.33 5.26
C ALA B 316 -17.00 7.21 4.08
N GLU B 317 -18.31 7.30 4.35
CA GLU B 317 -19.30 7.15 3.30
C GLU B 317 -19.15 8.20 2.20
N LYS B 318 -18.95 9.46 2.58
CA LYS B 318 -18.81 10.51 1.59
C LYS B 318 -17.50 10.37 0.79
N PHE B 319 -16.50 9.75 1.39
CA PHE B 319 -15.27 9.47 0.64
C PHE B 319 -15.58 8.59 -0.56
N PHE B 320 -16.31 7.50 -0.32
CA PHE B 320 -16.64 6.57 -1.40
C PHE B 320 -17.57 7.20 -2.42
N MET B 321 -18.46 8.08 -1.96
CA MET B 321 -19.34 8.78 -2.89
C MET B 321 -18.58 9.75 -3.80
N SER B 322 -17.54 10.38 -3.25
CA SER B 322 -16.77 11.37 -4.02
C SER B 322 -15.91 10.70 -5.10
N VAL B 323 -15.43 9.49 -4.83
CA VAL B 323 -14.65 8.77 -5.84
C VAL B 323 -15.59 8.22 -6.91
N GLY B 324 -16.85 7.96 -6.52
CA GLY B 324 -17.86 7.57 -7.49
C GLY B 324 -18.39 6.15 -7.29
N LEU B 325 -18.44 5.67 -6.04
CA LEU B 325 -18.99 4.34 -5.77
C LEU B 325 -20.34 4.42 -5.06
N PHE B 326 -20.65 3.43 -4.23
CA PHE B 326 -21.98 3.29 -3.66
C PHE B 326 -22.11 4.04 -2.33
N ASN B 327 -23.31 4.54 -2.04
CA ASN B 327 -23.65 5.00 -0.70
C ASN B 327 -24.27 3.86 0.10
N MET B 328 -24.36 4.01 1.42
CA MET B 328 -24.86 2.95 2.29
C MET B 328 -26.38 2.95 2.32
N THR B 329 -26.96 1.75 2.40
CA THR B 329 -28.40 1.59 2.42
C THR B 329 -28.96 1.89 3.80
N GLN B 330 -30.29 2.03 3.86
CA GLN B 330 -30.94 2.31 5.13
C GLN B 330 -30.73 1.17 6.12
N GLY B 331 -30.71 -0.06 5.63
CA GLY B 331 -30.49 -1.22 6.49
C GLY B 331 -29.11 -1.16 7.14
N PHE B 332 -28.12 -0.76 6.37
CA PHE B 332 -26.75 -0.64 6.90
C PHE B 332 -26.73 0.24 8.12
N TRP B 333 -27.38 1.40 8.02
CA TRP B 333 -27.38 2.37 9.10
C TRP B 333 -28.29 2.00 10.28
N ASN B 334 -29.07 0.92 10.15
CA ASN B 334 -29.98 0.47 11.20
C ASN B 334 -29.42 -0.72 11.96
N ASN B 335 -29.12 -1.79 11.23
CA ASN B 335 -28.74 -3.08 11.86
C ASN B 335 -27.24 -3.29 12.02
N SER B 336 -26.43 -2.25 11.83
CA SER B 336 -25.00 -2.37 12.07
C SER B 336 -24.65 -2.12 13.54
N MET B 337 -23.49 -2.61 13.96
CA MET B 337 -23.00 -2.38 15.32
C MET B 337 -21.71 -1.57 15.26
N LEU B 338 -21.84 -0.25 15.27
CA LEU B 338 -20.67 0.59 15.06
C LEU B 338 -20.05 0.98 16.39
N THR B 339 -20.74 0.66 17.48
CA THR B 339 -20.25 0.93 18.83
C THR B 339 -20.36 -0.31 19.71
N LYS B 340 -19.56 -0.37 20.76
CA LYS B 340 -19.70 -1.45 21.73
C LYS B 340 -20.89 -1.15 22.62
N PRO B 341 -21.85 -2.08 22.75
CA PRO B 341 -23.08 -1.94 23.52
C PRO B 341 -22.79 -1.94 25.02
N ASP B 342 -23.65 -1.25 25.78
CA ASP B 342 -23.54 -1.17 27.23
C ASP B 342 -24.92 -1.29 27.90
N ARG B 345 -24.63 -6.92 26.83
CA ARG B 345 -24.33 -8.00 25.90
C ARG B 345 -22.88 -8.40 26.02
N GLU B 346 -22.50 -9.49 25.34
CA GLU B 346 -21.11 -9.88 25.16
C GLU B 346 -20.88 -9.99 23.66
N VAL B 347 -19.94 -9.23 23.12
CA VAL B 347 -19.81 -9.16 21.68
C VAL B 347 -18.39 -9.37 21.20
N VAL B 348 -18.26 -9.73 19.92
CA VAL B 348 -16.95 -9.80 19.27
C VAL B 348 -16.67 -8.46 18.59
N CYS B 349 -15.68 -7.70 19.14
CA CYS B 349 -15.42 -6.34 18.68
C CYS B 349 -14.50 -6.30 17.45
N HIS B 350 -13.98 -7.45 17.04
CA HIS B 350 -13.13 -7.52 15.85
C HIS B 350 -13.89 -6.97 14.64
N PRO B 351 -13.35 -5.93 13.96
CA PRO B 351 -13.93 -5.28 12.79
C PRO B 351 -14.13 -6.25 11.64
N THR B 352 -15.37 -6.38 11.20
CA THR B 352 -15.69 -7.22 10.04
C THR B 352 -16.79 -6.62 9.18
N ALA B 353 -16.73 -6.94 7.89
CA ALA B 353 -17.77 -6.52 6.94
C ALA B 353 -18.63 -7.72 6.58
N TRP B 354 -19.95 -7.57 6.75
CA TRP B 354 -20.86 -8.68 6.52
C TRP B 354 -21.75 -8.50 5.30
N ASP B 355 -21.92 -9.60 4.57
CA ASP B 355 -22.91 -9.69 3.50
C ASP B 355 -23.91 -10.77 3.88
N LEU B 356 -25.07 -10.34 4.36
CA LEU B 356 -26.05 -11.26 4.95
C LEU B 356 -26.82 -12.01 3.86
N GLY B 357 -26.97 -11.38 2.71
CA GLY B 357 -27.78 -11.94 1.63
C GLY B 357 -29.03 -11.08 1.42
N ASN B 358 -29.61 -11.16 0.22
CA ASN B 358 -30.81 -10.41 -0.11
C ASN B 358 -30.65 -8.90 0.11
N ASN B 359 -29.54 -8.36 -0.35
CA ASN B 359 -29.26 -6.92 -0.28
C ASN B 359 -29.18 -6.40 1.15
N ASP B 360 -28.67 -7.23 2.05
CA ASP B 360 -28.54 -6.85 3.46
C ASP B 360 -27.07 -6.77 3.85
N PHE B 361 -26.56 -5.56 4.02
CA PHE B 361 -25.15 -5.34 4.31
C PHE B 361 -24.98 -4.69 5.67
N ARG B 362 -24.00 -5.16 6.44
CA ARG B 362 -23.76 -4.62 7.78
C ARG B 362 -22.28 -4.59 8.13
N ILE B 363 -21.90 -3.69 9.04
CA ILE B 363 -20.57 -3.71 9.62
C ILE B 363 -20.63 -3.89 11.12
N LYS B 364 -19.77 -4.77 11.63
CA LYS B 364 -19.65 -5.01 13.04
C LYS B 364 -18.28 -4.54 13.52
N MET B 365 -18.25 -3.49 14.31
CA MET B 365 -16.98 -2.89 14.73
C MET B 365 -17.14 -1.98 15.93
N CYS B 366 -16.46 -2.30 17.05
CA CYS B 366 -16.53 -1.48 18.26
C CYS B 366 -15.65 -0.24 18.08
N THR B 367 -16.18 0.77 17.42
CA THR B 367 -15.40 1.92 16.98
C THR B 367 -15.07 2.88 18.12
N LYS B 368 -13.80 3.28 18.18
CA LYS B 368 -13.33 4.30 19.11
C LYS B 368 -12.89 5.53 18.33
N VAL B 369 -12.73 6.66 19.02
CA VAL B 369 -12.21 7.84 18.36
C VAL B 369 -10.71 7.95 18.58
N THR B 370 -9.95 7.48 17.60
CA THR B 370 -8.49 7.43 17.70
C THR B 370 -7.85 7.94 16.41
N MET B 371 -7.36 7.02 15.61
CA MET B 371 -7.00 7.30 14.22
C MET B 371 -6.99 5.99 13.47
N ASP B 372 -6.64 4.92 14.18
CA ASP B 372 -6.60 3.60 13.59
C ASP B 372 -8.01 3.14 13.22
N ASP B 373 -8.98 3.43 14.07
CA ASP B 373 -10.36 3.07 13.79
C ASP B 373 -10.94 3.95 12.69
N PHE B 374 -10.47 5.18 12.60
CA PHE B 374 -10.88 6.07 11.54
C PHE B 374 -10.51 5.47 10.19
N LEU B 375 -9.26 5.04 10.07
CA LEU B 375 -8.78 4.44 8.83
C LEU B 375 -9.35 3.04 8.61
N THR B 376 -9.61 2.32 9.71
CA THR B 376 -10.22 1.00 9.61
C THR B 376 -11.63 1.08 9.03
N ALA B 377 -12.37 2.12 9.42
CA ALA B 377 -13.71 2.31 8.91
C ALA B 377 -13.72 2.34 7.38
N HIS B 378 -12.68 2.94 6.79
CA HIS B 378 -12.56 2.98 5.33
C HIS B 378 -12.23 1.60 4.79
N HIS B 379 -11.40 0.86 5.52
CA HIS B 379 -11.02 -0.49 5.12
C HIS B 379 -12.25 -1.39 5.05
N GLU B 380 -13.03 -1.39 6.12
CA GLU B 380 -14.20 -2.25 6.23
C GLU B 380 -15.30 -1.84 5.28
N MET B 381 -15.47 -0.54 5.07
CA MET B 381 -16.48 -0.08 4.12
C MET B 381 -16.04 -0.40 2.69
N GLY B 382 -14.74 -0.48 2.47
CA GLY B 382 -14.20 -0.86 1.17
C GLY B 382 -14.65 -2.28 0.80
N HIS B 383 -14.73 -3.14 1.80
CA HIS B 383 -15.21 -4.51 1.58
C HIS B 383 -16.67 -4.49 1.17
N ILE B 384 -17.45 -3.64 1.82
CA ILE B 384 -18.88 -3.53 1.51
C ILE B 384 -19.07 -3.04 0.08
N GLN B 385 -18.24 -2.09 -0.35
CA GLN B 385 -18.33 -1.56 -1.70
C GLN B 385 -18.15 -2.66 -2.74
N TYR B 386 -17.23 -3.57 -2.47
CA TYR B 386 -16.96 -4.68 -3.38
C TYR B 386 -18.15 -5.64 -3.37
N ASP B 387 -18.67 -5.93 -2.18
CA ASP B 387 -19.76 -6.88 -2.03
C ASP B 387 -21.02 -6.37 -2.74
N MET B 388 -21.25 -5.07 -2.71
CA MET B 388 -22.38 -4.47 -3.39
C MET B 388 -22.18 -4.49 -4.90
N ALA B 389 -20.94 -4.28 -5.34
CA ALA B 389 -20.64 -4.17 -6.76
C ALA B 389 -21.01 -5.43 -7.54
N TYR B 390 -20.79 -6.60 -6.95
CA TYR B 390 -21.10 -7.84 -7.67
C TYR B 390 -22.38 -8.49 -7.17
N ALA B 391 -23.24 -7.70 -6.53
CA ALA B 391 -24.50 -8.21 -6.01
C ALA B 391 -25.44 -8.66 -7.12
N LYS B 392 -25.13 -8.27 -8.35
CA LYS B 392 -25.95 -8.62 -9.50
C LYS B 392 -25.49 -9.91 -10.18
N GLN B 393 -24.41 -10.50 -9.69
CA GLN B 393 -23.89 -11.75 -10.24
C GLN B 393 -24.73 -12.93 -9.72
N PRO B 394 -24.72 -14.07 -10.43
CA PRO B 394 -25.25 -15.34 -9.99
C PRO B 394 -24.67 -15.70 -8.63
N PHE B 395 -25.48 -16.35 -7.80
CA PHE B 395 -25.10 -16.61 -6.41
C PHE B 395 -23.69 -17.17 -6.27
N LEU B 396 -23.35 -18.15 -7.09
CA LEU B 396 -22.08 -18.84 -6.97
C LEU B 396 -20.89 -18.02 -7.46
N LEU B 397 -21.17 -16.90 -8.13
CA LEU B 397 -20.11 -16.05 -8.65
C LEU B 397 -19.96 -14.76 -7.85
N ARG B 398 -20.68 -14.67 -6.72
CA ARG B 398 -20.62 -13.48 -5.89
C ARG B 398 -19.43 -13.51 -4.92
N ASN B 399 -18.25 -13.36 -5.48
CA ASN B 399 -17.02 -13.33 -4.69
C ASN B 399 -15.95 -12.52 -5.42
N GLY B 400 -14.78 -12.40 -4.83
CA GLY B 400 -13.69 -11.66 -5.48
C GLY B 400 -13.07 -12.49 -6.60
N ALA B 401 -12.51 -11.80 -7.60
CA ALA B 401 -11.90 -12.47 -8.74
C ALA B 401 -10.75 -13.36 -8.32
N ASN B 402 -10.05 -12.96 -7.26
CA ASN B 402 -8.92 -13.70 -6.74
C ASN B 402 -8.87 -13.54 -5.23
N GLU B 403 -8.21 -14.46 -4.55
CA GLU B 403 -8.17 -14.45 -3.09
C GLU B 403 -7.47 -13.22 -2.53
N GLY B 404 -6.63 -12.58 -3.35
CA GLY B 404 -5.91 -11.39 -2.89
C GLY B 404 -6.58 -10.08 -3.32
N PHE B 405 -7.62 -10.18 -4.15
CA PHE B 405 -8.25 -8.97 -4.69
C PHE B 405 -9.12 -8.27 -3.65
N HIS B 406 -9.86 -9.04 -2.88
CA HIS B 406 -10.84 -8.47 -1.97
C HIS B 406 -10.14 -7.65 -0.89
N GLU B 407 -9.04 -8.17 -0.36
CA GLU B 407 -8.30 -7.49 0.69
C GLU B 407 -7.50 -6.31 0.12
N ALA B 408 -6.95 -6.48 -1.08
CA ALA B 408 -6.16 -5.41 -1.71
C ALA B 408 -7.01 -4.17 -1.93
N VAL B 409 -8.28 -4.35 -2.29
CA VAL B 409 -9.17 -3.21 -2.48
C VAL B 409 -9.36 -2.46 -1.19
N GLY B 410 -9.55 -3.18 -0.09
CA GLY B 410 -9.69 -2.55 1.22
C GLY B 410 -8.48 -1.68 1.54
N GLU B 411 -7.28 -2.24 1.34
CA GLU B 411 -6.04 -1.54 1.70
C GLU B 411 -5.82 -0.25 0.91
N ILE B 412 -6.13 -0.25 -0.38
CA ILE B 412 -5.86 0.96 -1.18
C ILE B 412 -6.77 2.11 -0.79
N MET B 413 -8.02 1.81 -0.41
CA MET B 413 -8.94 2.86 -0.01
C MET B 413 -8.49 3.46 1.32
N SER B 414 -7.97 2.61 2.20
CA SER B 414 -7.46 3.04 3.50
C SER B 414 -6.24 3.96 3.36
N LEU B 415 -5.32 3.62 2.45
CA LEU B 415 -4.12 4.43 2.25
C LEU B 415 -4.47 5.84 1.80
N SER B 416 -5.42 5.96 0.89
CA SER B 416 -5.78 7.28 0.36
C SER B 416 -6.30 8.19 1.46
N ALA B 417 -7.08 7.63 2.37
CA ALA B 417 -7.70 8.40 3.44
C ALA B 417 -6.69 8.82 4.52
N ALA B 418 -5.47 8.31 4.43
CA ALA B 418 -4.46 8.59 5.44
C ALA B 418 -3.52 9.72 5.03
N THR B 419 -3.69 10.26 3.83
CA THR B 419 -2.76 11.28 3.34
C THR B 419 -2.96 12.60 4.07
N PRO B 420 -1.89 13.38 4.30
CA PRO B 420 -1.87 14.71 4.88
C PRO B 420 -2.87 15.66 4.25
N LYS B 421 -3.06 15.58 2.93
CA LYS B 421 -4.00 16.51 2.29
C LYS B 421 -5.45 16.13 2.56
N HIS B 422 -5.70 14.86 2.83
CA HIS B 422 -7.06 14.42 3.12
C HIS B 422 -7.40 14.87 4.52
N LEU B 423 -6.47 14.66 5.44
CA LEU B 423 -6.66 15.05 6.83
C LEU B 423 -6.81 16.57 6.93
N LYS B 424 -6.08 17.29 6.09
CA LYS B 424 -6.15 18.74 6.05
C LYS B 424 -7.52 19.22 5.57
N ASP B 425 -8.02 18.60 4.49
CA ASP B 425 -9.30 18.98 3.91
C ASP B 425 -10.48 18.60 4.82
N LEU B 426 -10.30 17.56 5.64
CA LEU B 426 -11.32 17.17 6.61
C LEU B 426 -11.41 18.15 7.77
N GLY B 427 -10.40 19.01 7.90
CA GLY B 427 -10.34 19.95 9.00
C GLY B 427 -9.69 19.34 10.25
N LEU B 428 -8.99 18.21 10.09
CA LEU B 428 -8.34 17.58 11.23
C LEU B 428 -6.89 18.00 11.35
N LEU B 429 -6.25 18.22 10.23
CA LEU B 429 -4.85 18.66 10.20
C LEU B 429 -4.82 20.16 9.90
N ALA B 430 -3.94 20.88 10.59
CA ALA B 430 -3.88 22.33 10.42
C ALA B 430 -3.72 22.71 8.96
N GLN B 431 -4.48 23.73 8.53
CA GLN B 431 -4.45 24.17 7.14
C GLN B 431 -3.06 24.64 6.74
N ASN B 432 -2.34 25.23 7.70
CA ASN B 432 -1.00 25.73 7.44
C ASN B 432 0.06 24.82 8.06
N TYR B 433 -0.28 23.55 8.26
CA TYR B 433 0.65 22.60 8.85
C TYR B 433 1.95 22.63 8.06
N PRO B 434 3.11 22.83 8.71
CA PRO B 434 4.41 22.96 8.10
C PRO B 434 4.83 21.69 7.40
N GLU B 435 5.43 21.84 6.22
CA GLU B 435 5.96 20.70 5.48
C GLU B 435 7.21 20.16 6.17
N ASP B 436 7.48 18.87 5.99
CA ASP B 436 8.64 18.24 6.59
C ASP B 436 9.05 16.98 5.82
N TYR B 437 10.32 16.91 5.40
CA TYR B 437 10.80 15.78 4.59
C TYR B 437 11.27 14.61 5.45
N GLU B 438 11.71 14.91 6.67
CA GLU B 438 12.19 13.87 7.57
C GLU B 438 11.05 12.96 8.00
N THR B 439 9.86 13.55 8.19
CA THR B 439 8.71 12.77 8.58
C THR B 439 8.24 11.86 7.45
N GLU B 440 8.59 12.22 6.22
CA GLU B 440 8.24 11.36 5.09
C GLU B 440 9.12 10.12 5.09
N ILE B 441 10.38 10.29 5.45
CA ILE B 441 11.30 9.17 5.57
C ILE B 441 10.87 8.26 6.72
N ASN B 442 10.47 8.86 7.84
CA ASN B 442 10.00 8.07 8.98
C ASN B 442 8.76 7.25 8.60
N PHE B 443 7.84 7.87 7.86
CA PHE B 443 6.64 7.21 7.40
C PHE B 443 6.95 6.03 6.48
N LEU B 444 7.80 6.28 5.48
CA LEU B 444 8.12 5.24 4.51
C LEU B 444 8.81 4.06 5.15
N LEU B 445 9.69 4.30 6.11
CA LEU B 445 10.37 3.18 6.75
C LEU B 445 9.37 2.36 7.55
N LYS B 446 8.48 3.01 8.28
CA LYS B 446 7.48 2.29 9.05
C LYS B 446 6.66 1.39 8.15
N GLN B 447 6.29 1.91 6.98
CA GLN B 447 5.55 1.13 6.00
C GLN B 447 6.38 -0.05 5.49
N ALA B 448 7.66 0.20 5.25
CA ALA B 448 8.56 -0.82 4.73
C ALA B 448 8.77 -1.96 5.72
N LEU B 449 8.85 -1.63 7.01
CA LEU B 449 9.06 -2.64 8.03
C LEU B 449 7.91 -3.63 8.07
N ASN B 450 6.70 -3.15 7.81
CA ASN B 450 5.52 -3.99 7.78
C ASN B 450 5.30 -4.67 6.43
N ILE B 451 5.58 -3.94 5.35
CA ILE B 451 5.26 -4.39 4.00
C ILE B 451 6.40 -5.12 3.28
N VAL B 452 7.61 -4.59 3.39
CA VAL B 452 8.75 -5.17 2.68
C VAL B 452 9.41 -6.27 3.48
N GLY B 453 9.58 -6.03 4.78
CA GLY B 453 10.27 -6.96 5.66
C GLY B 453 9.52 -8.27 5.86
N THR B 454 8.28 -8.34 5.38
CA THR B 454 7.45 -9.53 5.51
C THR B 454 7.45 -10.38 4.24
N LEU B 455 7.84 -9.81 3.10
CA LEU B 455 7.70 -10.53 1.85
C LEU B 455 8.61 -11.76 1.73
N PRO B 456 9.89 -11.69 2.14
CA PRO B 456 10.82 -12.81 2.19
C PRO B 456 10.37 -13.90 3.16
N PHE B 457 9.57 -13.52 4.15
CA PHE B 457 9.03 -14.48 5.12
C PHE B 457 7.96 -15.31 4.45
N THR B 458 7.02 -14.63 3.79
CA THR B 458 5.92 -15.31 3.11
C THR B 458 6.47 -16.19 2.00
N TYR B 459 7.40 -15.64 1.23
CA TYR B 459 8.01 -16.37 0.12
C TYR B 459 8.70 -17.63 0.60
N MET B 460 9.57 -17.51 1.61
CA MET B 460 10.35 -18.64 2.09
C MET B 460 9.46 -19.70 2.75
N LEU B 461 8.48 -19.27 3.52
CA LEU B 461 7.62 -20.20 4.25
C LEU B 461 6.81 -21.07 3.29
N GLU B 462 6.22 -20.43 2.28
CA GLU B 462 5.37 -21.15 1.35
C GLU B 462 6.20 -22.03 0.44
N LYS B 463 7.39 -21.55 0.06
CA LYS B 463 8.30 -22.33 -0.76
C LYS B 463 8.73 -23.60 -0.04
N TRP B 464 9.02 -23.49 1.25
CA TRP B 464 9.40 -24.65 2.05
C TRP B 464 8.28 -25.69 2.06
N ARG B 465 7.05 -25.26 2.31
CA ARG B 465 5.93 -26.19 2.34
C ARG B 465 5.71 -26.86 1.00
N TRP B 466 5.85 -26.09 -0.08
CA TRP B 466 5.69 -26.65 -1.42
C TRP B 466 6.70 -27.76 -1.67
N MET B 467 7.96 -27.53 -1.27
CA MET B 467 9.00 -28.53 -1.46
C MET B 467 8.77 -29.77 -0.60
N VAL B 468 8.22 -29.56 0.60
CA VAL B 468 7.88 -30.66 1.49
C VAL B 468 6.78 -31.54 0.92
N PHE B 469 5.75 -30.91 0.36
CA PHE B 469 4.65 -31.66 -0.23
C PHE B 469 5.07 -32.41 -1.48
N LYS B 470 5.92 -31.79 -2.31
CA LYS B 470 6.42 -32.45 -3.52
C LYS B 470 7.27 -33.66 -3.17
N GLY B 471 8.06 -33.53 -2.11
CA GLY B 471 8.99 -34.58 -1.72
C GLY B 471 10.41 -34.19 -2.06
N GLN B 472 10.63 -32.91 -2.36
CA GLN B 472 11.96 -32.40 -2.68
C GLN B 472 12.81 -32.36 -1.42
N ILE B 473 12.16 -32.13 -0.28
CA ILE B 473 12.86 -32.16 1.00
C ILE B 473 12.52 -33.45 1.75
N PRO B 474 13.51 -34.32 1.99
CA PRO B 474 13.40 -35.58 2.71
C PRO B 474 12.80 -35.37 4.08
N LYS B 475 12.07 -36.38 4.56
CA LYS B 475 11.38 -36.28 5.84
C LYS B 475 12.35 -35.92 6.96
N ASP B 476 13.57 -36.42 6.88
CA ASP B 476 14.57 -36.21 7.91
C ASP B 476 15.48 -35.01 7.64
N GLN B 477 15.09 -34.15 6.71
CA GLN B 477 15.85 -32.93 6.45
C GLN B 477 14.95 -31.69 6.49
N TRP B 478 13.84 -31.78 7.21
CA TRP B 478 12.89 -30.68 7.30
C TRP B 478 13.48 -29.48 8.04
N THR B 479 14.06 -29.73 9.22
CA THR B 479 14.64 -28.66 10.03
C THR B 479 15.87 -28.10 9.34
N LYS B 480 16.70 -28.99 8.82
CA LYS B 480 17.92 -28.59 8.13
C LYS B 480 17.63 -27.58 7.03
N LYS B 481 16.67 -27.90 6.16
CA LYS B 481 16.34 -27.01 5.06
C LYS B 481 15.63 -25.76 5.51
N TRP B 482 14.79 -25.86 6.54
CA TRP B 482 14.11 -24.68 7.04
C TRP B 482 15.10 -23.58 7.35
N TRP B 483 16.13 -23.93 8.12
CA TRP B 483 17.09 -22.93 8.55
C TRP B 483 18.10 -22.54 7.47
N GLU B 484 18.51 -23.46 6.61
CA GLU B 484 19.37 -23.07 5.46
C GLU B 484 18.61 -22.07 4.59
N MET B 485 17.36 -22.36 4.24
CA MET B 485 16.59 -21.49 3.38
C MET B 485 16.36 -20.13 4.03
N LYS B 486 16.12 -20.14 5.33
CA LYS B 486 15.83 -18.92 6.06
C LYS B 486 17.06 -18.02 6.13
N ARG B 487 18.23 -18.62 6.31
CA ARG B 487 19.48 -17.87 6.33
C ARG B 487 19.87 -17.35 4.95
N ASP B 488 19.59 -18.12 3.90
CA ASP B 488 19.92 -17.70 2.54
C ASP B 488 18.93 -16.69 1.96
N ILE B 489 17.65 -16.87 2.26
CA ILE B 489 16.60 -16.04 1.66
C ILE B 489 16.24 -14.82 2.49
N VAL B 490 16.08 -15.03 3.80
CA VAL B 490 15.59 -13.96 4.67
C VAL B 490 16.76 -13.26 5.35
N GLY B 491 17.79 -14.01 5.69
CA GLY B 491 18.96 -13.44 6.36
C GLY B 491 18.81 -13.48 7.86
N VAL B 492 18.12 -14.51 8.35
CA VAL B 492 17.88 -14.71 9.77
C VAL B 492 18.46 -16.04 10.25
N VAL B 493 19.11 -16.01 11.40
CA VAL B 493 19.81 -17.18 11.93
C VAL B 493 19.27 -17.63 13.28
N GLU B 494 19.22 -18.95 13.47
CA GLU B 494 18.75 -19.56 14.71
C GLU B 494 19.72 -19.28 15.88
N PRO B 495 19.23 -18.67 16.96
CA PRO B 495 19.93 -18.42 18.21
C PRO B 495 20.38 -19.72 18.90
N VAL B 496 19.69 -20.81 18.58
CA VAL B 496 19.95 -22.11 19.20
C VAL B 496 19.99 -23.20 18.13
N PRO B 497 20.98 -24.11 18.17
CA PRO B 497 21.08 -25.29 17.35
C PRO B 497 19.84 -26.17 17.50
N HIS B 498 19.22 -26.53 16.38
CA HIS B 498 18.04 -27.39 16.39
C HIS B 498 18.29 -28.64 15.56
N ASP B 499 17.75 -29.77 16.02
CA ASP B 499 17.80 -31.02 15.28
C ASP B 499 16.42 -31.41 14.76
N GLU B 500 16.32 -32.59 14.15
CA GLU B 500 15.07 -32.99 13.52
C GLU B 500 14.06 -33.54 14.52
N THR B 501 13.81 -32.77 15.57
CA THR B 501 12.78 -33.07 16.56
C THR B 501 11.90 -31.84 16.68
N TYR B 502 12.37 -30.77 16.07
CA TYR B 502 11.69 -29.48 16.08
C TYR B 502 10.88 -29.31 14.80
N CYS B 503 9.86 -28.48 14.87
CA CYS B 503 9.14 -28.06 13.67
C CYS B 503 8.79 -26.60 13.81
N ASP B 504 9.56 -25.75 13.15
CA ASP B 504 9.41 -24.31 13.29
C ASP B 504 8.27 -23.80 12.43
N ALA B 505 8.05 -24.45 11.29
CA ALA B 505 6.98 -24.04 10.42
C ALA B 505 5.64 -24.16 11.14
N ALA B 506 5.47 -25.25 11.89
CA ALA B 506 4.20 -25.55 12.54
C ALA B 506 4.02 -24.76 13.82
N SER B 507 5.00 -23.92 14.15
CA SER B 507 4.89 -23.10 15.35
C SER B 507 4.11 -21.83 15.03
N LEU B 508 3.76 -21.67 13.76
CA LEU B 508 2.96 -20.53 13.29
C LEU B 508 1.50 -20.96 13.14
N PHE B 509 0.58 -20.05 13.43
CA PHE B 509 -0.85 -20.33 13.38
C PHE B 509 -1.30 -20.95 12.07
N HIS B 510 -0.89 -20.35 10.95
CA HIS B 510 -1.38 -20.76 9.65
C HIS B 510 -0.96 -22.17 9.27
N VAL B 511 0.24 -22.55 9.68
CA VAL B 511 0.74 -23.87 9.33
C VAL B 511 0.05 -24.94 10.17
N ALA B 512 -0.03 -24.68 11.48
CA ALA B 512 -0.67 -25.61 12.40
C ALA B 512 -2.15 -25.80 12.08
N ASN B 513 -2.80 -24.76 11.57
CA ASN B 513 -4.24 -24.79 11.31
C ASN B 513 -4.59 -24.99 9.84
N ASP B 514 -3.66 -25.50 9.03
CA ASP B 514 -3.96 -25.87 7.64
C ASP B 514 -4.49 -24.72 6.78
N TYR B 515 -3.78 -23.59 6.76
CA TYR B 515 -4.12 -22.49 5.87
C TYR B 515 -3.02 -22.26 4.84
N SER B 516 -3.40 -21.81 3.65
CA SER B 516 -2.44 -21.39 2.64
C SER B 516 -1.86 -20.03 3.02
N PHE B 517 -0.67 -19.72 2.55
CA PHE B 517 -0.01 -18.49 3.00
C PHE B 517 0.28 -17.53 1.84
N ILE B 518 0.41 -18.07 0.62
CA ILE B 518 0.82 -17.27 -0.53
C ILE B 518 -0.12 -16.09 -0.79
N ARG B 519 -1.34 -16.17 -0.30
CA ARG B 519 -2.33 -15.12 -0.54
C ARG B 519 -1.83 -13.77 -0.06
N TYR B 520 -0.94 -13.78 0.92
CA TYR B 520 -0.42 -12.54 1.48
C TYR B 520 0.61 -11.92 0.57
N TYR B 521 1.33 -12.76 -0.18
CA TYR B 521 2.35 -12.31 -1.10
C TYR B 521 1.71 -11.61 -2.28
N THR B 522 0.72 -12.26 -2.88
CA THR B 522 0.08 -11.74 -4.08
C THR B 522 -0.78 -10.53 -3.76
N ARG B 523 -1.37 -10.51 -2.56
CA ARG B 523 -2.19 -9.40 -2.15
C ARG B 523 -1.39 -8.11 -2.14
N THR B 524 -0.19 -8.18 -1.56
CA THR B 524 0.66 -7.01 -1.45
C THR B 524 1.01 -6.45 -2.82
N ILE B 525 1.37 -7.32 -3.76
CA ILE B 525 1.74 -6.86 -5.08
C ILE B 525 0.56 -6.24 -5.82
N PHE B 526 -0.61 -6.87 -5.74
CA PHE B 526 -1.79 -6.34 -6.42
C PHE B 526 -2.18 -5.00 -5.83
N GLN B 527 -2.07 -4.87 -4.53
CA GLN B 527 -2.40 -3.64 -3.82
C GLN B 527 -1.71 -2.43 -4.44
N PHE B 528 -0.43 -2.58 -4.77
CA PHE B 528 0.31 -1.49 -5.36
C PHE B 528 0.01 -1.31 -6.85
N GLN B 529 -0.30 -2.40 -7.54
CA GLN B 529 -0.68 -2.29 -8.95
C GLN B 529 -1.99 -1.51 -9.09
N PHE B 530 -2.92 -1.74 -8.17
CA PHE B 530 -4.20 -1.06 -8.19
C PHE B 530 -4.03 0.42 -7.88
N GLN B 531 -3.23 0.72 -6.84
CA GLN B 531 -3.06 2.10 -6.40
C GLN B 531 -2.38 2.95 -7.47
N GLU B 532 -1.37 2.39 -8.14
CA GLU B 532 -0.69 3.16 -9.17
C GLU B 532 -1.62 3.49 -10.32
N ALA B 533 -2.40 2.49 -10.78
CA ALA B 533 -3.29 2.68 -11.90
C ALA B 533 -4.35 3.73 -11.61
N LEU B 534 -4.86 3.73 -10.38
CA LEU B 534 -5.90 4.68 -9.99
C LEU B 534 -5.34 6.10 -9.85
N CYS B 535 -4.13 6.22 -9.30
CA CYS B 535 -3.45 7.51 -9.15
C CYS B 535 -3.00 8.05 -10.51
N ARG B 536 -2.80 7.15 -11.47
CA ARG B 536 -2.52 7.55 -12.85
C ARG B 536 -3.79 8.06 -13.52
N THR B 537 -4.90 7.36 -13.30
CA THR B 537 -6.21 7.73 -13.84
C THR B 537 -6.64 9.08 -13.29
N ALA B 538 -6.33 9.31 -12.01
CA ALA B 538 -6.69 10.52 -11.31
C ALA B 538 -5.75 11.68 -11.65
N GLN B 539 -4.77 11.42 -12.52
CA GLN B 539 -3.79 12.41 -12.95
C GLN B 539 -3.02 13.00 -11.78
N HIS B 540 -2.48 12.14 -10.92
CA HIS B 540 -1.66 12.61 -9.77
C HIS B 540 -0.19 12.68 -10.17
N THR B 541 0.42 13.85 -10.03
CA THR B 541 1.86 14.00 -10.31
C THR B 541 2.54 14.31 -8.99
N GLY B 542 3.54 13.51 -8.60
CA GLY B 542 4.18 13.68 -7.29
C GLY B 542 4.60 12.34 -6.75
N PRO B 543 5.08 12.23 -5.50
CA PRO B 543 5.41 10.90 -4.90
C PRO B 543 4.13 10.07 -4.81
N LEU B 544 4.24 8.76 -5.04
CA LEU B 544 3.06 7.86 -5.02
C LEU B 544 2.51 7.75 -3.59
N HIS B 545 3.37 7.89 -2.58
CA HIS B 545 2.94 7.74 -1.16
C HIS B 545 2.07 8.90 -0.71
N LYS B 546 1.93 9.93 -1.56
CA LYS B 546 1.16 11.15 -1.18
C LYS B 546 -0.05 11.28 -2.11
N CYS B 547 -0.63 10.17 -2.53
CA CYS B 547 -1.75 10.20 -3.51
C CYS B 547 -3.11 10.02 -2.82
N ASP B 548 -4.09 10.85 -3.16
CA ASP B 548 -5.47 10.70 -2.63
C ASP B 548 -6.41 10.64 -3.84
N ILE B 549 -7.25 9.61 -3.96
CA ILE B 549 -8.11 9.45 -5.18
C ILE B 549 -9.47 10.15 -4.96
N SER B 550 -9.57 11.02 -3.97
CA SER B 550 -10.86 11.70 -3.65
C SER B 550 -11.24 12.66 -4.78
N ASN B 551 -12.54 12.90 -4.97
CA ASN B 551 -13.03 13.80 -6.05
C ASN B 551 -12.60 13.26 -7.42
N SER B 552 -12.32 11.96 -7.52
CA SER B 552 -11.87 11.35 -8.79
C SER B 552 -12.88 10.30 -9.27
N THR B 553 -13.91 10.74 -10.01
CA THR B 553 -14.92 9.81 -10.54
C THR B 553 -14.27 8.87 -11.54
N ALA B 554 -13.31 9.35 -12.32
CA ALA B 554 -12.60 8.51 -13.32
C ALA B 554 -11.93 7.32 -12.63
N ALA B 555 -11.23 7.56 -11.52
CA ALA B 555 -10.61 6.47 -10.79
C ALA B 555 -11.69 5.53 -10.23
N GLY B 556 -12.81 6.10 -9.82
CA GLY B 556 -13.90 5.34 -9.26
C GLY B 556 -14.54 4.44 -10.31
N GLU B 557 -14.74 4.98 -11.50
CA GLU B 557 -15.34 4.23 -12.59
C GLU B 557 -14.44 3.07 -13.00
N LYS B 558 -13.14 3.32 -13.05
CA LYS B 558 -12.18 2.30 -13.44
C LYS B 558 -12.13 1.18 -12.41
N LEU B 559 -12.18 1.55 -11.14
CA LEU B 559 -12.20 0.59 -10.04
C LEU B 559 -13.48 -0.25 -10.07
N LEU B 560 -14.61 0.41 -10.27
CA LEU B 560 -15.90 -0.26 -10.25
C LEU B 560 -16.00 -1.31 -11.35
N LYS B 561 -15.50 -0.99 -12.54
CA LYS B 561 -15.53 -1.94 -13.64
C LYS B 561 -14.96 -3.30 -13.24
N MET B 562 -13.89 -3.29 -12.46
CA MET B 562 -13.27 -4.51 -11.99
C MET B 562 -14.09 -5.16 -10.88
N LEU B 563 -14.59 -4.35 -9.96
CA LEU B 563 -15.32 -4.85 -8.80
C LEU B 563 -16.60 -5.58 -9.20
N GLU B 564 -17.26 -5.09 -10.23
CA GLU B 564 -18.55 -5.64 -10.67
C GLU B 564 -18.46 -7.05 -11.26
N LEU B 565 -17.27 -7.48 -11.65
CA LEU B 565 -17.10 -8.75 -12.35
C LEU B 565 -17.27 -9.96 -11.45
N GLY B 566 -16.86 -9.83 -10.19
CA GLY B 566 -16.89 -10.97 -9.29
C GLY B 566 -16.03 -12.11 -9.82
N LYS B 567 -16.58 -13.31 -9.86
CA LYS B 567 -15.86 -14.48 -10.36
C LYS B 567 -16.30 -14.90 -11.76
N SER B 568 -17.04 -14.03 -12.45
CA SER B 568 -17.55 -14.36 -13.77
C SER B 568 -16.45 -14.42 -14.83
N GLN B 569 -15.32 -13.80 -14.55
CA GLN B 569 -14.19 -13.70 -15.48
C GLN B 569 -12.91 -14.18 -14.78
N PRO B 570 -11.88 -14.57 -15.55
CA PRO B 570 -10.52 -14.84 -15.09
C PRO B 570 -9.97 -13.63 -14.35
N TRP B 571 -9.21 -13.88 -13.28
CA TRP B 571 -8.64 -12.79 -12.51
C TRP B 571 -7.66 -11.97 -13.34
N THR B 572 -7.14 -12.57 -14.40
CA THR B 572 -6.22 -11.90 -15.31
C THR B 572 -6.96 -10.85 -16.13
N PHE B 573 -8.22 -11.13 -16.42
CA PHE B 573 -9.08 -10.21 -17.14
C PHE B 573 -9.48 -9.07 -16.21
N ALA B 574 -9.89 -9.43 -15.01
CA ALA B 574 -10.29 -8.47 -13.99
C ALA B 574 -9.11 -7.56 -13.65
N LEU B 575 -7.92 -8.13 -13.63
CA LEU B 575 -6.72 -7.36 -13.32
C LEU B 575 -6.47 -6.32 -14.41
N GLU B 576 -6.56 -6.75 -15.66
CA GLU B 576 -6.28 -5.87 -16.78
C GLU B 576 -7.21 -4.65 -16.77
N ASN B 577 -8.46 -4.86 -16.40
CA ASN B 577 -9.46 -3.79 -16.41
C ASN B 577 -9.12 -2.65 -15.44
N ILE B 578 -8.31 -2.92 -14.42
CA ILE B 578 -7.95 -1.89 -13.45
C ILE B 578 -6.49 -1.46 -13.56
N VAL B 579 -5.61 -2.38 -13.93
CA VAL B 579 -4.18 -2.07 -13.98
C VAL B 579 -3.74 -1.58 -15.36
N GLY B 580 -4.31 -2.16 -16.41
CA GLY B 580 -3.89 -1.88 -17.77
C GLY B 580 -3.13 -3.05 -18.37
N GLU B 581 -2.71 -3.99 -17.53
CA GLU B 581 -2.01 -5.19 -17.98
C GLU B 581 -2.52 -6.41 -17.23
N ARG B 582 -2.41 -7.57 -17.87
CA ARG B 582 -2.95 -8.81 -17.33
C ARG B 582 -1.92 -9.65 -16.60
N LYS B 583 -0.74 -9.07 -16.38
CA LYS B 583 0.36 -9.78 -15.74
C LYS B 583 0.61 -9.24 -14.33
N ILE B 584 1.26 -10.07 -13.49
CA ILE B 584 1.65 -9.67 -12.15
C ILE B 584 2.91 -8.81 -12.20
N ASN B 585 2.87 -7.63 -11.59
CA ASN B 585 3.97 -6.68 -11.69
C ASN B 585 4.34 -6.05 -10.36
N VAL B 586 5.56 -6.31 -9.91
CA VAL B 586 6.03 -5.81 -8.61
C VAL B 586 6.59 -4.40 -8.70
N ARG B 587 6.86 -3.90 -9.91
CA ARG B 587 7.48 -2.60 -10.07
C ARG B 587 6.80 -1.48 -9.25
N PRO B 588 5.47 -1.34 -9.26
CA PRO B 588 4.73 -0.33 -8.52
C PRO B 588 5.07 -0.35 -7.03
N LEU B 589 5.40 -1.52 -6.50
CA LEU B 589 5.79 -1.66 -5.10
C LEU B 589 7.14 -1.00 -4.89
N LEU B 590 8.03 -1.24 -5.84
CA LEU B 590 9.40 -0.73 -5.78
C LEU B 590 9.42 0.77 -6.00
N ASP B 591 8.50 1.27 -6.82
CA ASP B 591 8.38 2.71 -7.03
C ASP B 591 7.82 3.42 -5.81
N TYR B 592 6.86 2.79 -5.14
CA TYR B 592 6.27 3.35 -3.93
C TYR B 592 7.34 3.66 -2.90
N PHE B 593 8.25 2.70 -2.69
CA PHE B 593 9.30 2.83 -1.69
C PHE B 593 10.60 3.38 -2.25
N ARG B 594 10.63 3.83 -3.51
CA ARG B 594 11.87 4.36 -4.14
C ARG B 594 12.56 5.51 -3.37
N PRO B 595 11.83 6.49 -2.80
CA PRO B 595 12.41 7.58 -2.05
C PRO B 595 13.18 7.05 -0.83
N LEU B 596 12.69 5.94 -0.28
CA LEU B 596 13.33 5.32 0.87
C LEU B 596 14.58 4.57 0.45
N PHE B 597 14.49 3.91 -0.70
CA PHE B 597 15.61 3.16 -1.23
C PHE B 597 16.81 4.07 -1.43
N ASN B 598 16.57 5.24 -2.01
CA ASN B 598 17.64 6.20 -2.24
C ASN B 598 18.27 6.65 -0.92
N TRP B 599 17.43 6.90 0.08
CA TRP B 599 17.91 7.28 1.40
C TRP B 599 18.76 6.18 2.03
N LEU B 600 18.29 4.95 1.96
CA LEU B 600 19.02 3.81 2.54
C LEU B 600 20.37 3.61 1.88
N LYS B 601 20.44 3.77 0.56
CA LYS B 601 21.70 3.56 -0.13
C LYS B 601 22.80 4.47 0.40
N GLU B 602 22.47 5.73 0.67
CA GLU B 602 23.47 6.65 1.20
C GLU B 602 23.78 6.37 2.67
N GLN B 603 22.77 5.96 3.43
CA GLN B 603 22.98 5.61 4.83
C GLN B 603 23.94 4.45 4.96
N ASN B 604 23.94 3.56 3.99
CA ASN B 604 24.77 2.35 4.01
C ASN B 604 26.10 2.54 3.31
N SER B 605 26.50 3.78 3.07
CA SER B 605 27.75 4.04 2.36
C SER B 605 28.93 3.40 3.06
N ASN B 606 28.91 3.35 4.39
CA ASN B 606 30.01 2.79 5.15
C ASN B 606 29.63 1.47 5.83
N SER B 607 28.59 0.82 5.33
CA SER B 607 28.13 -0.43 5.92
C SER B 607 28.16 -1.57 4.91
N PHE B 608 28.26 -2.79 5.41
CA PHE B 608 28.15 -3.97 4.57
C PHE B 608 26.70 -4.17 4.16
N VAL B 609 26.46 -4.44 2.89
CA VAL B 609 25.10 -4.69 2.42
C VAL B 609 24.97 -6.13 1.96
N GLY B 610 23.99 -6.83 2.52
CA GLY B 610 23.84 -8.25 2.28
C GLY B 610 24.37 -8.98 3.51
N TRP B 611 24.50 -10.29 3.43
CA TRP B 611 24.95 -11.05 4.59
C TRP B 611 25.69 -12.31 4.20
N ARG B 612 26.50 -12.79 5.14
CA ARG B 612 27.17 -14.07 5.01
C ARG B 612 26.48 -15.08 5.91
N THR B 613 26.48 -16.34 5.49
CA THR B 613 25.78 -17.38 6.22
C THR B 613 26.73 -18.31 6.96
N ASP B 614 28.01 -17.94 7.02
CA ASP B 614 29.00 -18.75 7.71
C ASP B 614 29.13 -18.36 9.19
N TRP B 615 28.33 -17.40 9.62
CA TRP B 615 28.36 -16.93 10.99
C TRP B 615 27.10 -17.33 11.75
N SER B 616 27.26 -17.68 13.02
CA SER B 616 26.12 -17.94 13.88
C SER B 616 26.50 -17.61 15.34
N PRO B 617 25.52 -17.23 16.20
CA PRO B 617 25.68 -17.01 17.63
C PRO B 617 25.58 -18.32 18.41
#